data_3MZB
#
_entry.id   3MZB
#
_cell.length_a   87.040
_cell.length_b   93.873
_cell.length_c   124.726
_cell.angle_alpha   90.00
_cell.angle_beta   90.00
_cell.angle_gamma   90.00
#
_symmetry.space_group_name_H-M   'P 21 21 21'
#
loop_
_entity.id
_entity.type
_entity.pdbx_description
1 polymer 'Nickel-binding periplasmic protein'
2 non-polymer 'ACETATE ION'
3 non-polymer 'SULFATE ION'
4 non-polymer GLYCEROL
5 non-polymer 'CHLORIDE ION'
6 non-polymer '2-[2-[carboxymethyl-[(2-hydroxyphenyl)methyl]amino]ethyl-[(2,3-dihydroxyphenyl)methyl]amino]ethanoic acid'
7 non-polymer 'FE (III) ION'
8 non-polymer 'DITHIANE DIOL'
9 water water
#
_entity_poly.entity_id   1
_entity_poly.type   'polypeptide(L)'
_entity_poly.pdbx_seq_one_letter_code
;AAPDEITTAWPVNVGPLNPHLYTPNQMFAQSMVYEPLVKYQADGSVIPWLAKSWTHSEDGKTWTFTLRDDVKFSNGEPFD
AEAAAENFRAVLDNRQRHAWLELANQIVDVKALSKTELQITLKSAYYPFLQELALPRPFRFIAPSQFKNHETMNGIKAPI
GTGPWILQESKLNQYDVFVRNENYWGEKPAIKKITFNVIPDPTTRAVAFETGDIDLLYGNEGLLPLDTFARFSQNPAYHT
QLSQPIETVMLALNTAKAPTNELAVREALNYAVNKKSLIDNALYGTQQVADTLFAPSVPYANLGLKPSQYDPQKAKALLE
KAGWTLPAGKDIREKNGQPLRIELSFIGTDALSKSMAEIIQADMRQIGADVSLIGEEESSIYARQRDGRFGMIFHRTWGA
PYDPHAFLSSMRVPSHADFQAQQGLADKPLIDKEIGEVLATHDETQRQALYRDILTRLHDEAVYLPISYISMMVVSKPEL
GNIPYAPIATEIPFEQIKPVK
;
_entity_poly.pdbx_strand_id   A,B
#
loop_
_chem_comp.id
_chem_comp.type
_chem_comp.name
_chem_comp.formula
ACT non-polymer 'ACETATE ION' 'C2 H3 O2 -1'
BHR non-polymer '2-[2-[carboxymethyl-[(2-hydroxyphenyl)methyl]amino]ethyl-[(2,3-dihydroxyphenyl)methyl]amino]ethanoic acid' 'C20 H24 N2 O7'
CL non-polymer 'CHLORIDE ION' 'Cl -1'
DTD non-polymer 'DITHIANE DIOL' 'C4 H8 O2 S2'
FE non-polymer 'FE (III) ION' 'Fe 3'
GOL non-polymer GLYCEROL 'C3 H8 O3'
SO4 non-polymer 'SULFATE ION' 'O4 S -2'
#
# COMPACT_ATOMS: atom_id res chain seq x y z
N ALA A 2 14.59 -30.06 0.13
CA ALA A 2 13.36 -30.07 -0.72
C ALA A 2 12.91 -28.65 -1.07
N PRO A 3 12.14 -28.49 -2.18
CA PRO A 3 11.56 -27.19 -2.56
C PRO A 3 10.45 -26.68 -1.61
N ASP A 4 10.13 -27.46 -0.59
CA ASP A 4 9.13 -27.04 0.40
C ASP A 4 9.75 -26.75 1.76
N GLU A 5 11.08 -26.65 1.80
CA GLU A 5 11.81 -26.24 3.00
C GLU A 5 12.61 -24.98 2.68
N ILE A 6 12.50 -23.97 3.53
CA ILE A 6 13.32 -22.75 3.34
C ILE A 6 14.16 -22.37 4.56
N THR A 7 15.23 -21.62 4.30
CA THR A 7 16.12 -21.12 5.33
C THR A 7 16.18 -19.61 5.25
N THR A 8 16.06 -18.96 6.39
CA THR A 8 16.09 -17.51 6.46
C THR A 8 16.94 -17.13 7.64
N ALA A 9 16.87 -15.88 8.07
CA ALA A 9 17.74 -15.40 9.13
C ALA A 9 17.04 -14.38 10.01
N TRP A 10 17.45 -14.34 11.27
CA TRP A 10 16.99 -13.32 12.21
C TRP A 10 18.18 -12.98 13.12
N PRO A 11 18.25 -11.72 13.62
CA PRO A 11 19.42 -11.36 14.43
C PRO A 11 19.52 -12.12 15.76
N VAL A 12 18.37 -12.54 16.29
CA VAL A 12 18.32 -13.29 17.55
C VAL A 12 17.38 -14.50 17.42
N ASN A 13 17.46 -15.41 18.39
CA ASN A 13 16.47 -16.50 18.50
C ASN A 13 15.07 -15.92 18.72
N VAL A 14 14.03 -16.73 18.48
CA VAL A 14 12.67 -16.22 18.51
C VAL A 14 12.19 -16.03 19.95
N GLY A 15 12.96 -16.55 20.90
CA GLY A 15 12.60 -16.45 22.33
C GLY A 15 11.63 -17.56 22.73
N PRO A 16 11.09 -17.48 23.96
CA PRO A 16 10.22 -18.55 24.47
C PRO A 16 8.88 -18.78 23.74
N LEU A 17 8.43 -17.78 22.96
CA LEU A 17 7.10 -17.77 22.34
C LEU A 17 5.98 -17.85 23.37
N ASN A 18 6.13 -17.08 24.44
CA ASN A 18 5.00 -16.73 25.28
C ASN A 18 4.13 -15.73 24.50
N PRO A 19 2.85 -16.09 24.21
CA PRO A 19 2.00 -15.18 23.45
C PRO A 19 1.71 -13.86 24.15
N HIS A 20 1.95 -13.82 25.46
CA HIS A 20 1.45 -12.71 26.27
C HIS A 20 2.55 -11.79 26.82
N LEU A 21 3.78 -12.01 26.39
CA LEU A 21 4.92 -11.25 26.90
C LEU A 21 5.68 -10.64 25.75
N TYR A 22 6.68 -9.83 26.08
CA TYR A 22 7.40 -9.00 25.10
C TYR A 22 8.82 -9.48 24.96
N THR A 23 9.83 -8.59 24.93
CA THR A 23 11.22 -9.07 24.84
C THR A 23 11.51 -10.18 25.88
N PRO A 24 12.24 -11.24 25.48
CA PRO A 24 12.88 -11.47 24.19
C PRO A 24 12.04 -12.23 23.13
N ASN A 25 10.72 -12.31 23.33
CA ASN A 25 9.85 -12.90 22.31
C ASN A 25 9.85 -12.03 21.06
N GLN A 26 10.02 -12.67 19.90
CA GLN A 26 9.99 -11.95 18.61
C GLN A 26 8.58 -12.01 18.01
N MET A 27 8.05 -10.84 17.71
CA MET A 27 6.65 -10.70 17.28
C MET A 27 6.28 -11.54 16.06
N PHE A 28 7.12 -11.55 15.04
CA PHE A 28 6.75 -12.28 13.83
C PHE A 28 6.53 -13.76 14.18
N ALA A 29 7.26 -14.26 15.17
CA ALA A 29 7.25 -15.68 15.53
C ALA A 29 6.03 -15.96 16.41
N GLN A 30 5.73 -15.06 17.35
CA GLN A 30 4.44 -15.13 18.07
C GLN A 30 3.29 -15.21 17.05
N SER A 31 3.35 -14.39 16.00
CA SER A 31 2.30 -14.40 14.98
C SER A 31 2.23 -15.64 14.09
N MET A 32 3.33 -16.37 14.00
CA MET A 32 3.35 -17.63 13.24
C MET A 32 2.58 -18.74 13.96
N VAL A 33 2.61 -18.69 15.30
CA VAL A 33 2.13 -19.79 16.14
C VAL A 33 0.75 -19.46 16.71
N TYR A 34 0.53 -18.20 17.07
CA TYR A 34 -0.68 -17.80 17.78
C TYR A 34 -1.57 -16.92 16.94
N GLU A 35 -2.88 -17.02 17.16
CA GLU A 35 -3.86 -16.38 16.29
C GLU A 35 -4.81 -15.51 17.09
N PRO A 36 -5.38 -14.50 16.43
CA PRO A 36 -6.34 -13.59 17.06
C PRO A 36 -7.80 -13.97 16.80
N LEU A 37 -8.71 -13.32 17.52
CA LEU A 37 -10.14 -13.51 17.31
C LEU A 37 -10.58 -13.02 15.92
N VAL A 38 -9.98 -11.90 15.50
CA VAL A 38 -10.29 -11.20 14.26
C VAL A 38 -8.97 -10.82 13.64
N LYS A 39 -8.92 -10.82 12.30
CA LYS A 39 -7.65 -10.67 11.61
C LYS A 39 -7.61 -9.35 10.86
N TYR A 40 -6.49 -8.64 10.98
CA TYR A 40 -6.35 -7.33 10.34
C TYR A 40 -6.08 -7.47 8.85
N GLN A 41 -6.73 -6.63 8.06
CA GLN A 41 -6.56 -6.65 6.61
C GLN A 41 -5.93 -5.33 6.14
N ALA A 42 -5.25 -5.37 5.01
CA ALA A 42 -4.63 -4.17 4.41
C ALA A 42 -5.56 -2.94 4.32
N ASP A 43 -6.88 -3.16 4.19
CA ASP A 43 -7.84 -2.04 4.06
C ASP A 43 -8.28 -1.37 5.37
N GLY A 44 -7.75 -1.83 6.48
CA GLY A 44 -8.10 -1.26 7.77
C GLY A 44 -9.20 -1.98 8.50
N SER A 45 -9.89 -2.87 7.79
CA SER A 45 -10.95 -3.66 8.39
C SER A 45 -10.33 -4.86 9.11
N VAL A 46 -11.14 -5.50 9.94
CA VAL A 46 -10.80 -6.82 10.44
C VAL A 46 -11.76 -7.81 9.82
N ILE A 47 -11.32 -9.04 9.67
CA ILE A 47 -12.20 -10.11 9.22
C ILE A 47 -12.39 -11.13 10.33
N PRO A 48 -13.45 -11.96 10.24
CA PRO A 48 -13.55 -13.08 11.16
C PRO A 48 -12.33 -13.98 11.08
N TRP A 49 -11.87 -14.46 12.23
CA TRP A 49 -10.78 -15.42 12.26
C TRP A 49 -11.18 -16.55 13.20
N LEU A 50 -10.63 -16.59 14.42
CA LEU A 50 -11.07 -17.59 15.40
C LEU A 50 -12.52 -17.34 15.85
N ALA A 51 -12.93 -16.06 15.78
CA ALA A 51 -14.33 -15.67 15.96
C ALA A 51 -14.95 -15.55 14.57
N LYS A 52 -16.03 -16.30 14.34
CA LYS A 52 -16.68 -16.20 13.03
C LYS A 52 -17.62 -15.00 12.90
N SER A 53 -18.12 -14.51 14.03
CA SER A 53 -18.98 -13.33 14.03
C SER A 53 -19.03 -12.68 15.41
N TRP A 54 -19.57 -11.48 15.46
CA TRP A 54 -19.71 -10.75 16.71
C TRP A 54 -20.81 -9.70 16.67
N THR A 55 -21.28 -9.33 17.84
CA THR A 55 -22.27 -8.29 18.01
C THR A 55 -21.82 -7.43 19.19
N HIS A 56 -22.39 -6.24 19.30
CA HIS A 56 -22.16 -5.42 20.47
C HIS A 56 -23.43 -4.74 20.94
N SER A 57 -23.48 -4.44 22.24
CA SER A 57 -24.56 -3.69 22.86
C SER A 57 -24.70 -2.29 22.23
N GLU A 58 -25.81 -1.61 22.49
CA GLU A 58 -26.00 -0.26 21.95
C GLU A 58 -25.05 0.76 22.56
N ASP A 59 -24.71 0.58 23.84
CA ASP A 59 -23.80 1.49 24.52
C ASP A 59 -22.32 1.19 24.17
N GLY A 60 -22.12 0.18 23.33
CA GLY A 60 -20.79 -0.16 22.79
C GLY A 60 -19.80 -0.75 23.76
N LYS A 61 -20.27 -1.12 24.96
CA LYS A 61 -19.38 -1.60 26.01
C LYS A 61 -19.35 -3.13 26.16
N THR A 62 -20.40 -3.80 25.69
CA THR A 62 -20.50 -5.27 25.78
C THR A 62 -20.43 -5.87 24.38
N TRP A 63 -19.47 -6.78 24.20
CA TRP A 63 -19.25 -7.41 22.91
C TRP A 63 -19.38 -8.91 23.05
N THR A 64 -20.07 -9.55 22.11
CA THR A 64 -20.24 -10.99 22.17
C THR A 64 -19.75 -11.60 20.86
N PHE A 65 -18.78 -12.49 20.98
CA PHE A 65 -18.19 -13.18 19.84
C PHE A 65 -18.71 -14.59 19.74
N THR A 66 -19.04 -14.99 18.52
CA THR A 66 -19.39 -16.36 18.23
C THR A 66 -18.15 -17.00 17.64
N LEU A 67 -17.59 -17.98 18.35
CA LEU A 67 -16.34 -18.62 17.92
C LEU A 67 -16.55 -19.78 16.97
N ARG A 68 -15.58 -20.01 16.07
CA ARG A 68 -15.51 -21.27 15.32
C ARG A 68 -15.59 -22.45 16.26
N ASP A 69 -16.16 -23.57 15.77
CA ASP A 69 -16.24 -24.75 16.60
C ASP A 69 -15.37 -25.90 16.13
N ASP A 70 -14.51 -25.62 15.13
CA ASP A 70 -13.69 -26.67 14.51
C ASP A 70 -12.18 -26.49 14.71
N VAL A 71 -11.79 -25.67 15.68
CA VAL A 71 -10.38 -25.31 15.82
C VAL A 71 -9.73 -26.10 16.95
N LYS A 72 -8.59 -26.72 16.67
CA LYS A 72 -7.80 -27.34 17.71
C LYS A 72 -6.45 -26.63 17.80
N PHE A 73 -5.94 -26.54 19.02
CA PHE A 73 -4.54 -26.23 19.27
C PHE A 73 -3.68 -27.32 18.63
N SER A 74 -2.40 -27.03 18.39
CA SER A 74 -1.54 -27.99 17.70
C SER A 74 -1.34 -29.30 18.45
N ASN A 75 -1.56 -29.28 19.77
CA ASN A 75 -1.47 -30.48 20.63
C ASN A 75 -2.78 -31.28 20.72
N GLY A 76 -3.76 -30.90 19.90
CA GLY A 76 -5.03 -31.64 19.79
C GLY A 76 -6.15 -31.21 20.72
N GLU A 77 -5.81 -30.35 21.68
CA GLU A 77 -6.81 -29.83 22.61
C GLU A 77 -7.71 -28.80 21.92
N PRO A 78 -8.99 -28.70 22.36
CA PRO A 78 -9.89 -27.78 21.67
C PRO A 78 -9.64 -26.30 21.94
N PHE A 79 -9.79 -25.50 20.90
CA PHE A 79 -10.01 -24.07 21.10
C PHE A 79 -11.51 -23.84 21.25
N ASP A 80 -11.91 -23.21 22.36
CA ASP A 80 -13.30 -22.85 22.60
C ASP A 80 -13.35 -21.57 23.43
N ALA A 81 -14.55 -21.14 23.79
CA ALA A 81 -14.68 -19.88 24.52
C ALA A 81 -14.01 -19.94 25.89
N GLU A 82 -13.98 -21.13 26.51
CA GLU A 82 -13.33 -21.25 27.82
C GLU A 82 -11.84 -21.03 27.68
N ALA A 83 -11.24 -21.64 26.66
CA ALA A 83 -9.81 -21.46 26.45
C ALA A 83 -9.52 -19.99 26.14
N ALA A 84 -10.39 -19.35 25.36
CA ALA A 84 -10.20 -17.94 25.03
C ALA A 84 -10.31 -17.08 26.29
N ALA A 85 -11.34 -17.32 27.09
CA ALA A 85 -11.53 -16.58 28.35
C ALA A 85 -10.32 -16.71 29.30
N GLU A 86 -9.77 -17.92 29.38
CA GLU A 86 -8.64 -18.19 30.24
C GLU A 86 -7.42 -17.39 29.78
N ASN A 87 -7.26 -17.29 28.46
CA ASN A 87 -6.19 -16.48 27.91
C ASN A 87 -6.33 -14.99 28.28
N PHE A 88 -7.53 -14.45 28.17
CA PHE A 88 -7.72 -13.06 28.55
C PHE A 88 -7.43 -12.83 30.03
N ARG A 89 -7.86 -13.76 30.89
CA ARG A 89 -7.51 -13.68 32.32
C ARG A 89 -6.00 -13.67 32.49
N ALA A 90 -5.30 -14.59 31.82
CA ALA A 90 -3.86 -14.69 31.96
C ALA A 90 -3.18 -13.40 31.57
N VAL A 91 -3.65 -12.78 30.47
CA VAL A 91 -3.10 -11.51 30.02
C VAL A 91 -3.34 -10.40 31.06
N LEU A 92 -4.58 -10.30 31.51
CA LEU A 92 -4.98 -9.18 32.37
C LEU A 92 -4.53 -9.34 33.81
N ASP A 93 -4.09 -10.54 34.17
CA ASP A 93 -3.44 -10.75 35.46
C ASP A 93 -2.09 -10.03 35.49
N ASN A 94 -1.62 -9.62 34.31
CA ASN A 94 -0.38 -8.87 34.17
C ASN A 94 -0.67 -7.48 33.60
N ARG A 95 -1.80 -6.92 34.02
CA ARG A 95 -2.40 -5.72 33.40
C ARG A 95 -1.43 -4.54 33.23
N GLN A 96 -0.63 -4.26 34.26
CA GLN A 96 0.30 -3.11 34.23
C GLN A 96 1.32 -3.19 33.11
N ARG A 97 1.76 -4.40 32.77
CA ARG A 97 2.70 -4.62 31.65
C ARG A 97 2.12 -4.22 30.30
N HIS A 98 0.80 -4.19 30.17
CA HIS A 98 0.15 -3.88 28.90
C HIS A 98 -0.41 -2.47 28.85
N ALA A 99 0.01 -1.63 29.81
CA ALA A 99 -0.54 -0.27 29.95
C ALA A 99 -0.45 0.56 28.68
N TRP A 100 0.62 0.34 27.91
CA TRP A 100 0.79 0.98 26.62
C TRP A 100 -0.41 0.79 25.69
N LEU A 101 -1.13 -0.34 25.84
CA LEU A 101 -2.23 -0.69 24.94
C LEU A 101 -3.53 -0.45 25.64
N GLU A 102 -4.26 0.57 25.23
CA GLU A 102 -5.41 1.00 26.02
C GLU A 102 -6.50 -0.07 26.23
N LEU A 103 -6.66 -1.00 25.28
CA LEU A 103 -7.63 -2.08 25.48
C LEU A 103 -7.40 -2.84 26.78
N ALA A 104 -6.13 -2.99 27.19
CA ALA A 104 -5.78 -3.68 28.45
C ALA A 104 -6.29 -2.93 29.68
N ASN A 105 -6.51 -1.62 29.56
CA ASN A 105 -7.07 -0.83 30.66
C ASN A 105 -8.59 -0.78 30.63
N GLN A 106 -9.16 -1.25 29.52
CA GLN A 106 -10.59 -1.15 29.24
C GLN A 106 -11.41 -2.40 29.55
N ILE A 107 -10.80 -3.58 29.43
CA ILE A 107 -11.53 -4.83 29.65
C ILE A 107 -11.87 -5.04 31.13
N VAL A 108 -13.18 -5.10 31.43
CA VAL A 108 -13.69 -5.29 32.80
C VAL A 108 -13.87 -6.76 33.09
N ASP A 109 -14.32 -7.51 32.09
CA ASP A 109 -14.61 -8.91 32.32
C ASP A 109 -14.65 -9.68 30.99
N VAL A 110 -14.30 -10.96 31.05
CA VAL A 110 -14.35 -11.86 29.90
C VAL A 110 -14.93 -13.21 30.35
N LYS A 111 -16.03 -13.60 29.73
CA LYS A 111 -16.77 -14.80 30.13
C LYS A 111 -17.09 -15.68 28.96
N ALA A 112 -16.90 -16.98 29.14
CA ALA A 112 -17.39 -17.99 28.21
C ALA A 112 -18.86 -18.27 28.56
N LEU A 113 -19.77 -17.82 27.69
CA LEU A 113 -21.22 -18.06 27.89
C LEU A 113 -21.63 -19.48 27.48
N SER A 114 -20.87 -20.04 26.54
CA SER A 114 -20.98 -21.43 26.12
C SER A 114 -19.66 -21.77 25.46
N LYS A 115 -19.57 -22.96 24.86
CA LYS A 115 -18.36 -23.35 24.11
C LYS A 115 -18.06 -22.40 22.95
N THR A 116 -19.10 -21.76 22.41
CA THR A 116 -18.95 -20.92 21.21
C THR A 116 -19.21 -19.43 21.46
N GLU A 117 -19.71 -19.05 22.64
CA GLU A 117 -20.09 -17.66 22.88
C GLU A 117 -19.16 -17.04 23.91
N LEU A 118 -18.44 -16.00 23.49
CA LEU A 118 -17.46 -15.32 24.35
C LEU A 118 -17.87 -13.85 24.51
N GLN A 119 -18.05 -13.43 25.76
CA GLN A 119 -18.53 -12.07 26.05
C GLN A 119 -17.44 -11.26 26.72
N ILE A 120 -17.18 -10.07 26.16
CA ILE A 120 -16.16 -9.16 26.66
C ILE A 120 -16.81 -7.85 26.98
N THR A 121 -16.66 -7.42 28.24
CA THR A 121 -17.21 -6.15 28.69
C THR A 121 -16.13 -5.13 28.92
N LEU A 122 -16.37 -3.92 28.41
CA LEU A 122 -15.44 -2.82 28.52
C LEU A 122 -15.93 -1.73 29.49
N LYS A 123 -14.95 -0.99 30.01
CA LYS A 123 -15.12 0.20 30.87
C LYS A 123 -15.89 1.28 30.13
N SER A 124 -15.53 1.49 28.87
CA SER A 124 -16.09 2.56 28.03
C SER A 124 -16.22 2.03 26.61
N ALA A 125 -16.92 2.77 25.75
CA ALA A 125 -17.08 2.37 24.34
C ALA A 125 -15.81 2.68 23.55
N TYR A 126 -14.85 1.76 23.69
CA TYR A 126 -13.52 1.89 23.12
C TYR A 126 -13.50 1.56 21.61
N TYR A 127 -13.32 2.56 20.76
CA TYR A 127 -13.45 2.38 19.30
C TYR A 127 -12.43 1.41 18.66
N PRO A 128 -11.14 1.48 19.06
CA PRO A 128 -10.16 0.60 18.40
C PRO A 128 -10.16 -0.84 18.93
N PHE A 129 -11.25 -1.25 19.58
CA PHE A 129 -11.39 -2.59 20.15
C PHE A 129 -10.95 -3.73 19.22
N LEU A 130 -11.59 -3.84 18.06
CA LEU A 130 -11.31 -4.95 17.15
C LEU A 130 -9.88 -4.95 16.63
N GLN A 131 -9.38 -3.76 16.28
CA GLN A 131 -8.02 -3.56 15.78
C GLN A 131 -6.98 -4.03 16.78
N GLU A 132 -7.22 -3.78 18.06
CA GLU A 132 -6.29 -4.18 19.10
C GLU A 132 -6.36 -5.67 19.39
N LEU A 133 -7.55 -6.28 19.22
CA LEU A 133 -7.64 -7.75 19.27
C LEU A 133 -6.82 -8.42 18.16
N ALA A 134 -6.64 -7.71 17.06
CA ALA A 134 -5.94 -8.24 15.87
C ALA A 134 -4.41 -8.22 15.99
N LEU A 135 -3.87 -7.49 16.96
CA LEU A 135 -2.41 -7.32 17.08
C LEU A 135 -1.68 -8.65 17.37
N PRO A 136 -0.38 -8.74 17.00
CA PRO A 136 0.44 -9.93 17.27
C PRO A 136 0.40 -10.35 18.76
N ARG A 137 0.31 -9.36 19.65
CA ARG A 137 0.29 -9.61 21.09
C ARG A 137 -0.33 -8.39 21.77
N PRO A 138 -0.92 -8.58 22.95
CA PRO A 138 -0.94 -9.82 23.73
C PRO A 138 -2.20 -10.71 23.60
N PHE A 139 -3.18 -10.31 22.82
CA PHE A 139 -4.48 -11.00 22.86
C PHE A 139 -4.61 -12.18 21.89
N ARG A 140 -3.61 -13.06 21.91
CA ARG A 140 -3.66 -14.30 21.12
C ARG A 140 -3.57 -15.51 22.05
N PHE A 141 -3.82 -16.71 21.52
CA PHE A 141 -4.26 -17.83 22.37
C PHE A 141 -3.35 -19.03 22.43
N ILE A 142 -2.84 -19.32 23.63
CA ILE A 142 -2.03 -20.51 23.90
C ILE A 142 -2.95 -21.53 24.56
N ALA A 143 -2.71 -22.83 24.34
CA ALA A 143 -3.51 -23.86 25.02
C ALA A 143 -3.39 -23.65 26.52
N PRO A 144 -4.54 -23.54 27.24
CA PRO A 144 -4.45 -23.29 28.69
C PRO A 144 -3.77 -24.39 29.49
N SER A 145 -3.69 -25.59 28.92
CA SER A 145 -2.87 -26.65 29.52
C SER A 145 -1.39 -26.29 29.67
N GLN A 146 -0.94 -25.29 28.92
CA GLN A 146 0.45 -24.90 28.90
C GLN A 146 0.74 -23.68 29.77
N PHE A 147 -0.28 -23.21 30.49
CA PHE A 147 -0.09 -22.21 31.53
C PHE A 147 0.80 -22.82 32.64
N LYS A 148 1.47 -21.96 33.38
CA LYS A 148 2.15 -22.42 34.59
C LYS A 148 1.37 -21.88 35.79
N ASN A 149 0.93 -22.81 36.65
CA ASN A 149 0.03 -22.49 37.77
C ASN A 149 -1.10 -21.56 37.35
N HIS A 150 -1.72 -21.88 36.21
CA HIS A 150 -2.91 -21.23 35.68
C HIS A 150 -2.64 -19.77 35.29
N GLU A 151 -1.37 -19.45 35.01
CA GLU A 151 -0.96 -18.14 34.52
C GLU A 151 -0.03 -18.27 33.32
N THR A 152 0.19 -17.16 32.62
CA THR A 152 1.28 -17.11 31.64
C THR A 152 2.34 -16.05 32.00
N MET A 153 2.02 -15.14 32.92
CA MET A 153 2.94 -14.01 33.18
C MET A 153 4.27 -14.43 33.78
N ASN A 154 4.30 -15.63 34.39
CA ASN A 154 5.47 -16.22 35.02
C ASN A 154 6.08 -17.31 34.16
N GLY A 155 5.66 -17.33 32.89
CA GLY A 155 6.13 -18.30 31.93
C GLY A 155 5.10 -19.30 31.44
N ILE A 156 5.45 -20.02 30.39
CA ILE A 156 4.61 -21.07 29.85
C ILE A 156 5.40 -22.38 29.77
N LYS A 157 4.69 -23.45 29.43
CA LYS A 157 5.30 -24.74 29.22
C LYS A 157 5.61 -24.81 27.72
N ALA A 158 4.89 -25.61 26.95
CA ALA A 158 5.14 -25.62 25.50
C ALA A 158 4.38 -24.50 24.77
N PRO A 159 4.99 -23.89 23.73
CA PRO A 159 4.34 -22.77 23.04
C PRO A 159 3.29 -23.24 22.04
N ILE A 160 2.17 -23.70 22.58
CA ILE A 160 1.16 -24.39 21.81
C ILE A 160 0.04 -23.44 21.37
N GLY A 161 0.02 -23.15 20.07
CA GLY A 161 -0.96 -22.26 19.47
C GLY A 161 -1.94 -22.98 18.55
N THR A 162 -2.79 -22.22 17.90
CA THR A 162 -3.71 -22.75 16.88
C THR A 162 -3.19 -22.51 15.46
N GLY A 163 -2.04 -21.82 15.37
CA GLY A 163 -1.59 -21.26 14.10
C GLY A 163 -1.03 -22.26 13.09
N PRO A 164 -0.71 -21.76 11.87
CA PRO A 164 -0.25 -22.63 10.79
C PRO A 164 1.18 -23.16 10.94
N TRP A 165 1.94 -22.63 11.90
CA TRP A 165 3.30 -23.07 12.18
C TRP A 165 3.46 -23.56 13.62
N ILE A 166 4.27 -24.58 13.78
CA ILE A 166 4.61 -25.12 15.10
C ILE A 166 6.11 -24.98 15.29
N LEU A 167 6.55 -24.51 16.45
CA LEU A 167 7.98 -24.51 16.74
C LEU A 167 8.47 -25.94 16.90
N GLN A 168 9.49 -26.31 16.13
CA GLN A 168 10.06 -27.63 16.27
C GLN A 168 11.17 -27.67 17.32
N GLU A 169 12.14 -26.76 17.20
CA GLU A 169 13.25 -26.69 18.15
C GLU A 169 13.93 -25.33 18.08
N SER A 170 14.61 -24.94 19.17
CA SER A 170 15.35 -23.68 19.25
C SER A 170 16.70 -23.93 19.89
N LYS A 171 17.75 -23.30 19.39
CA LYS A 171 19.11 -23.31 19.96
C LYS A 171 19.62 -21.92 20.24
N LEU A 172 19.81 -21.54 21.50
CA LEU A 172 20.22 -20.18 21.86
C LEU A 172 21.51 -19.77 21.17
N ASN A 173 21.44 -18.69 20.37
CA ASN A 173 22.58 -18.15 19.62
C ASN A 173 22.87 -18.92 18.32
N GLN A 174 22.03 -19.91 17.99
CA GLN A 174 22.22 -20.69 16.75
C GLN A 174 21.07 -20.61 15.74
N TYR A 175 19.91 -21.14 16.12
CA TYR A 175 18.79 -21.22 15.18
C TYR A 175 17.46 -21.61 15.80
N ASP A 176 16.40 -21.43 15.02
CA ASP A 176 15.06 -21.88 15.37
C ASP A 176 14.44 -22.56 14.14
N VAL A 177 13.70 -23.65 14.36
CA VAL A 177 13.06 -24.35 13.26
C VAL A 177 11.56 -24.45 13.52
N PHE A 178 10.77 -24.07 12.52
CA PHE A 178 9.33 -24.21 12.54
C PHE A 178 8.89 -25.19 11.47
N VAL A 179 7.82 -25.92 11.75
CA VAL A 179 7.21 -26.76 10.71
C VAL A 179 5.73 -26.44 10.56
N ARG A 180 5.17 -26.80 9.41
CA ARG A 180 3.76 -26.58 9.13
C ARG A 180 2.91 -27.40 10.10
N ASN A 181 1.86 -26.80 10.61
CA ASN A 181 0.84 -27.48 11.39
C ASN A 181 -0.06 -28.30 10.45
N GLU A 182 0.07 -29.63 10.51
CA GLU A 182 -0.67 -30.49 9.58
C GLU A 182 -2.14 -30.63 9.96
N ASN A 183 -2.47 -30.09 11.13
CA ASN A 183 -3.83 -30.11 11.65
C ASN A 183 -4.40 -28.72 11.85
N TYR A 184 -3.94 -27.79 11.01
CA TYR A 184 -4.39 -26.42 11.02
C TYR A 184 -5.83 -26.31 10.53
N TRP A 185 -6.64 -25.49 11.22
CA TRP A 185 -8.03 -25.32 10.84
C TRP A 185 -8.22 -24.71 9.45
N GLY A 186 -7.30 -23.81 9.06
CA GLY A 186 -7.42 -23.08 7.80
C GLY A 186 -6.61 -23.70 6.68
N GLU A 187 -6.14 -22.86 5.77
CA GLU A 187 -5.44 -23.30 4.57
C GLU A 187 -4.02 -23.79 4.92
N LYS A 188 -3.62 -24.91 4.32
CA LYS A 188 -2.28 -25.46 4.53
C LYS A 188 -1.26 -24.61 3.79
N PRO A 189 -0.19 -24.19 4.48
CA PRO A 189 0.91 -23.50 3.81
C PRO A 189 1.61 -24.41 2.81
N ALA A 190 2.13 -23.85 1.73
CA ALA A 190 2.91 -24.63 0.77
C ALA A 190 4.25 -25.08 1.35
N ILE A 191 4.84 -24.22 2.18
CA ILE A 191 6.13 -24.51 2.84
C ILE A 191 5.90 -25.41 4.05
N LYS A 192 6.73 -26.44 4.17
CA LYS A 192 6.61 -27.43 5.24
C LYS A 192 7.56 -27.13 6.40
N LYS A 193 8.67 -26.45 6.11
CA LYS A 193 9.69 -26.21 7.12
C LYS A 193 10.38 -24.88 6.91
N ILE A 194 10.62 -24.14 8.00
CA ILE A 194 11.31 -22.87 7.94
C ILE A 194 12.38 -22.86 9.01
N THR A 195 13.63 -22.69 8.58
CA THR A 195 14.73 -22.60 9.52
C THR A 195 15.22 -21.16 9.58
N PHE A 196 15.33 -20.62 10.80
CA PHE A 196 15.85 -19.28 11.07
C PHE A 196 17.27 -19.42 11.60
N ASN A 197 18.26 -19.06 10.76
CA ASN A 197 19.65 -18.99 11.24
C ASN A 197 19.84 -17.71 12.03
N VAL A 198 20.46 -17.82 13.20
CA VAL A 198 20.69 -16.62 14.01
C VAL A 198 21.94 -15.88 13.53
N ILE A 199 21.73 -14.72 12.92
CA ILE A 199 22.83 -13.96 12.32
C ILE A 199 22.70 -12.49 12.68
N PRO A 200 23.44 -12.05 13.71
CA PRO A 200 23.17 -10.69 14.21
C PRO A 200 23.65 -9.53 13.34
N ASP A 201 24.69 -9.75 12.55
CA ASP A 201 25.32 -8.65 11.81
C ASP A 201 24.73 -8.51 10.40
N PRO A 202 24.35 -7.28 9.98
CA PRO A 202 23.76 -7.08 8.65
C PRO A 202 24.66 -7.53 7.50
N THR A 203 25.96 -7.26 7.61
CA THR A 203 26.91 -7.69 6.60
C THR A 203 26.98 -9.21 6.51
N THR A 204 27.02 -9.89 7.65
CA THR A 204 27.10 -11.34 7.56
C THR A 204 25.78 -11.98 7.08
N ARG A 205 24.65 -11.31 7.32
CA ARG A 205 23.38 -11.72 6.69
C ARG A 205 23.48 -11.63 5.16
N ALA A 206 24.02 -10.51 4.65
CA ALA A 206 24.23 -10.39 3.19
C ALA A 206 25.14 -11.48 2.67
N VAL A 207 26.26 -11.71 3.37
CA VAL A 207 27.22 -12.75 2.99
C VAL A 207 26.55 -14.14 2.97
N ALA A 208 25.75 -14.45 3.98
CA ALA A 208 25.01 -15.72 4.02
C ALA A 208 24.08 -15.90 2.82
N PHE A 209 23.49 -14.82 2.34
CA PHE A 209 22.69 -14.91 1.15
C PHE A 209 23.56 -15.15 -0.09
N GLU A 210 24.68 -14.43 -0.19
CA GLU A 210 25.54 -14.53 -1.38
C GLU A 210 26.11 -15.92 -1.51
N THR A 211 26.32 -16.57 -0.37
CA THR A 211 26.93 -17.91 -0.34
C THR A 211 25.92 -19.01 -0.63
N GLY A 212 24.63 -18.67 -0.57
CA GLY A 212 23.56 -19.64 -0.78
C GLY A 212 23.11 -20.32 0.49
N ASP A 213 23.64 -19.89 1.64
CA ASP A 213 23.30 -20.49 2.95
C ASP A 213 21.88 -20.19 3.43
N ILE A 214 21.32 -19.07 2.97
CA ILE A 214 19.94 -18.71 3.31
C ILE A 214 19.20 -18.38 2.01
N ASP A 215 17.87 -18.52 2.02
CA ASP A 215 17.01 -18.40 0.83
C ASP A 215 16.23 -17.09 0.78
N LEU A 216 16.12 -16.45 1.95
CA LEU A 216 15.17 -15.35 2.11
C LEU A 216 15.64 -14.42 3.22
N LEU A 217 15.57 -13.12 2.96
CA LEU A 217 15.72 -12.11 4.01
C LEU A 217 14.55 -11.17 3.88
N TYR A 218 13.95 -10.78 5.00
CA TYR A 218 12.73 -10.00 5.00
C TYR A 218 12.76 -9.11 6.23
N GLY A 219 12.69 -7.81 6.03
CA GLY A 219 12.73 -6.91 7.19
C GLY A 219 12.70 -5.45 6.79
N ASN A 220 13.05 -4.56 7.72
CA ASN A 220 13.00 -3.13 7.46
C ASN A 220 14.33 -2.62 6.92
N GLU A 221 14.58 -1.31 7.04
CA GLU A 221 15.79 -0.73 6.47
C GLU A 221 17.13 -1.23 7.07
N GLY A 222 17.08 -1.91 8.21
CA GLY A 222 18.25 -2.52 8.86
C GLY A 222 18.54 -3.96 8.48
N LEU A 223 17.78 -4.50 7.52
CA LEU A 223 17.88 -5.92 7.16
C LEU A 223 19.26 -6.28 6.68
N LEU A 224 19.79 -5.45 5.80
CA LEU A 224 21.15 -5.63 5.31
C LEU A 224 21.67 -4.27 4.90
N PRO A 225 22.98 -4.17 4.64
CA PRO A 225 23.51 -2.87 4.26
C PRO A 225 22.83 -2.36 3.00
N LEU A 226 22.50 -1.07 2.99
CA LEU A 226 21.66 -0.55 1.92
C LEU A 226 22.39 -0.43 0.58
N ASP A 227 23.71 -0.24 0.61
CA ASP A 227 24.53 -0.30 -0.62
C ASP A 227 24.47 -1.69 -1.24
N THR A 228 24.53 -2.69 -0.38
CA THR A 228 24.44 -4.08 -0.82
C THR A 228 23.07 -4.41 -1.37
N PHE A 229 22.02 -3.96 -0.69
CA PHE A 229 20.67 -4.14 -1.22
C PHE A 229 20.52 -3.53 -2.62
N ALA A 230 21.02 -2.30 -2.81
CA ALA A 230 20.99 -1.67 -4.14
C ALA A 230 21.74 -2.48 -5.22
N ARG A 231 22.92 -2.96 -4.88
CA ARG A 231 23.67 -3.85 -5.78
C ARG A 231 22.88 -5.14 -6.07
N PHE A 232 22.28 -5.73 -5.05
CA PHE A 232 21.54 -6.98 -5.24
C PHE A 232 20.37 -6.77 -6.19
N SER A 233 19.78 -5.59 -6.16
CA SER A 233 18.59 -5.26 -6.94
C SER A 233 18.89 -5.27 -8.42
N GLN A 234 20.16 -5.12 -8.78
CA GLN A 234 20.57 -5.18 -10.18
C GLN A 234 21.09 -6.55 -10.58
N ASN A 235 21.27 -7.43 -9.60
CA ASN A 235 21.88 -8.74 -9.84
C ASN A 235 20.84 -9.70 -10.39
N PRO A 236 21.01 -10.15 -11.65
CA PRO A 236 20.00 -10.98 -12.29
C PRO A 236 19.82 -12.37 -11.66
N ALA A 237 20.77 -12.79 -10.80
CA ALA A 237 20.73 -14.08 -10.10
C ALA A 237 19.87 -14.03 -8.84
N TYR A 238 19.53 -12.81 -8.43
CA TYR A 238 18.81 -12.59 -7.17
C TYR A 238 17.42 -12.02 -7.43
N HIS A 239 16.57 -12.06 -6.41
CA HIS A 239 15.31 -11.32 -6.42
C HIS A 239 15.32 -10.34 -5.23
N THR A 240 14.84 -9.11 -5.47
CA THR A 240 14.69 -8.15 -4.37
C THR A 240 13.34 -7.47 -4.52
N GLN A 241 12.85 -6.94 -3.40
CA GLN A 241 11.64 -6.13 -3.36
C GLN A 241 11.79 -5.01 -2.36
N LEU A 242 11.05 -3.93 -2.61
CA LEU A 242 10.97 -2.81 -1.67
C LEU A 242 9.51 -2.44 -1.65
N SER A 243 8.89 -2.49 -0.47
CA SER A 243 7.45 -2.25 -0.35
C SER A 243 7.15 -0.76 -0.41
N GLN A 244 5.87 -0.43 -0.43
CA GLN A 244 5.47 0.96 -0.19
C GLN A 244 5.71 1.26 1.28
N PRO A 245 5.87 2.55 1.64
CA PRO A 245 6.34 2.80 3.01
C PRO A 245 5.40 2.31 4.10
N ILE A 246 5.98 1.97 5.25
CA ILE A 246 5.19 1.36 6.32
C ILE A 246 5.15 2.18 7.59
N GLU A 247 6.14 3.04 7.81
CA GLU A 247 6.19 3.80 9.05
C GLU A 247 7.22 4.92 8.95
N THR A 248 7.21 5.79 9.96
CA THR A 248 8.09 6.94 9.96
C THR A 248 9.32 6.75 10.85
N VAL A 249 10.46 7.22 10.34
CA VAL A 249 11.69 7.36 11.14
C VAL A 249 11.90 8.85 11.36
N MET A 250 12.24 9.24 12.59
CA MET A 250 12.32 10.66 12.95
C MET A 250 13.29 10.87 14.09
N LEU A 251 13.60 12.12 14.39
CA LEU A 251 14.18 12.41 15.69
C LEU A 251 13.04 12.82 16.60
N ALA A 252 13.14 12.46 17.87
CA ALA A 252 12.30 13.07 18.87
C ALA A 252 13.18 14.10 19.62
N LEU A 253 12.65 15.31 19.77
CA LEU A 253 13.36 16.44 20.42
C LEU A 253 12.82 16.65 21.83
N ASN A 254 13.71 16.80 22.82
CA ASN A 254 13.28 16.89 24.22
C ASN A 254 12.86 18.30 24.62
N THR A 255 11.54 18.51 24.66
CA THR A 255 10.91 19.79 24.97
C THR A 255 11.10 20.21 26.43
N ALA A 256 11.60 19.30 27.25
CA ALA A 256 11.82 19.59 28.69
C ALA A 256 13.29 19.82 29.02
N LYS A 257 14.16 19.81 28.01
CA LYS A 257 15.62 19.95 28.26
C LYS A 257 16.21 21.05 27.40
N ALA A 258 17.01 21.95 28.01
CA ALA A 258 17.73 22.97 27.23
C ALA A 258 18.68 22.32 26.24
N PRO A 259 18.80 22.87 25.01
CA PRO A 259 18.12 24.03 24.43
C PRO A 259 16.90 23.64 23.57
N THR A 260 16.61 22.35 23.49
CA THR A 260 15.44 21.85 22.73
C THR A 260 14.10 22.16 23.43
N ASN A 261 14.17 22.74 24.62
CA ASN A 261 12.98 23.22 25.30
C ASN A 261 12.41 24.48 24.63
N GLU A 262 13.24 25.14 23.81
CA GLU A 262 12.82 26.35 23.10
C GLU A 262 12.19 26.00 21.76
N LEU A 263 10.94 26.45 21.56
CA LEU A 263 10.23 26.22 20.30
C LEU A 263 11.07 26.71 19.10
N ALA A 264 11.64 27.91 19.21
CA ALA A 264 12.43 28.43 18.11
C ALA A 264 13.59 27.51 17.73
N VAL A 265 14.24 26.88 18.72
CA VAL A 265 15.31 25.92 18.47
C VAL A 265 14.77 24.69 17.73
N ARG A 266 13.64 24.14 18.20
CA ARG A 266 13.06 22.97 17.55
C ARG A 266 12.61 23.27 16.11
N GLU A 267 12.04 24.46 15.90
CA GLU A 267 11.64 24.86 14.55
C GLU A 267 12.88 24.98 13.65
N ALA A 268 13.94 25.57 14.17
CA ALA A 268 15.14 25.76 13.38
C ALA A 268 15.75 24.42 12.98
N LEU A 269 15.78 23.48 13.92
CA LEU A 269 16.35 22.17 13.61
C LEU A 269 15.55 21.51 12.49
N ASN A 270 14.25 21.75 12.50
CA ASN A 270 13.33 21.21 11.46
C ASN A 270 13.50 21.83 10.06
N TYR A 271 14.20 22.96 9.97
CA TYR A 271 14.52 23.57 8.67
C TYR A 271 15.96 23.27 8.25
N ALA A 272 16.74 22.66 9.13
CA ALA A 272 18.18 22.53 8.89
C ALA A 272 18.59 21.32 8.07
N VAL A 273 17.69 20.34 7.92
CA VAL A 273 18.06 19.04 7.37
C VAL A 273 17.54 18.83 5.96
N ASN A 274 18.44 18.65 5.00
CA ASN A 274 18.03 18.29 3.66
C ASN A 274 17.80 16.78 3.70
N LYS A 275 16.54 16.41 3.86
CA LYS A 275 16.23 14.98 4.03
C LYS A 275 16.47 14.15 2.78
N LYS A 276 16.30 14.74 1.61
CA LYS A 276 16.53 13.99 0.38
C LYS A 276 18.00 13.65 0.31
N SER A 277 18.85 14.61 0.68
CA SER A 277 20.30 14.39 0.73
C SER A 277 20.69 13.34 1.75
N LEU A 278 20.06 13.39 2.92
CA LEU A 278 20.32 12.40 3.94
C LEU A 278 20.00 11.00 3.41
N ILE A 279 18.84 10.85 2.76
CA ILE A 279 18.41 9.55 2.24
C ILE A 279 19.35 9.07 1.12
N ASP A 280 19.78 10.00 0.27
CA ASP A 280 20.62 9.65 -0.86
C ASP A 280 22.06 9.34 -0.42
N ASN A 281 22.44 9.88 0.73
CA ASN A 281 23.79 9.76 1.29
C ASN A 281 23.91 8.50 2.14
N ALA A 282 23.03 8.36 3.15
CA ALA A 282 23.11 7.24 4.10
C ALA A 282 22.28 6.01 3.70
N LEU A 283 21.17 6.23 3.01
CA LEU A 283 20.18 5.17 2.76
C LEU A 283 20.13 4.77 1.29
N TYR A 284 21.12 5.22 0.53
CA TYR A 284 21.23 4.85 -0.89
C TYR A 284 20.00 5.10 -1.74
N GLY A 285 19.23 6.13 -1.39
CA GLY A 285 18.03 6.48 -2.11
C GLY A 285 16.89 5.50 -1.96
N THR A 286 16.91 4.66 -0.92
CA THR A 286 15.93 3.58 -0.80
C THR A 286 14.68 3.93 -0.03
N GLN A 287 14.60 5.15 0.50
CA GLN A 287 13.47 5.53 1.36
C GLN A 287 12.88 6.85 0.87
N GLN A 288 11.74 7.25 1.42
CA GLN A 288 11.06 8.49 1.00
C GLN A 288 11.20 9.54 2.09
N VAL A 289 11.27 10.82 1.69
CA VAL A 289 11.29 11.95 2.61
C VAL A 289 10.00 12.04 3.44
N ALA A 290 10.17 12.28 4.74
CA ALA A 290 9.03 12.51 5.64
C ALA A 290 9.00 13.94 6.14
N ASP A 291 7.88 14.63 6.00
CA ASP A 291 7.83 15.96 6.63
C ASP A 291 6.85 16.08 7.79
N THR A 292 6.08 15.01 8.02
CA THR A 292 5.13 14.96 9.14
C THR A 292 5.30 13.65 9.92
N LEU A 293 4.92 13.69 11.19
CA LEU A 293 4.97 12.49 12.06
C LEU A 293 4.36 11.26 11.36
N PHE A 294 3.15 11.43 10.83
CA PHE A 294 2.50 10.40 10.00
C PHE A 294 2.41 10.82 8.56
N ALA A 295 2.67 9.87 7.66
CA ALA A 295 2.50 10.11 6.24
C ALA A 295 1.03 10.45 5.98
N PRO A 296 0.75 11.27 4.96
CA PRO A 296 -0.62 11.64 4.65
C PRO A 296 -1.53 10.47 4.34
N SER A 297 -0.97 9.29 4.03
CA SER A 297 -1.78 8.11 3.73
C SER A 297 -2.25 7.35 4.97
N VAL A 298 -1.78 7.78 6.15
CA VAL A 298 -2.15 7.18 7.44
C VAL A 298 -3.57 7.62 7.78
N PRO A 299 -4.40 6.70 8.29
CA PRO A 299 -5.76 7.12 8.67
C PRO A 299 -5.77 8.34 9.57
N TYR A 300 -6.71 9.26 9.31
CA TYR A 300 -6.91 10.46 10.13
C TYR A 300 -5.80 11.52 10.05
N ALA A 301 -4.78 11.28 9.21
CA ALA A 301 -3.61 12.13 9.19
C ALA A 301 -3.40 12.92 7.90
N ASN A 302 -4.38 12.91 7.00
CA ASN A 302 -4.28 13.77 5.83
C ASN A 302 -4.83 15.15 6.17
N LEU A 303 -3.96 15.98 6.73
CA LEU A 303 -4.43 17.20 7.38
C LEU A 303 -3.91 18.46 6.73
N GLY A 304 -3.10 18.32 5.69
CA GLY A 304 -2.52 19.48 5.05
C GLY A 304 -1.55 20.25 5.92
N LEU A 305 -0.87 19.56 6.84
CA LEU A 305 0.13 20.19 7.69
C LEU A 305 1.25 20.74 6.82
N LYS A 306 1.76 21.92 7.20
CA LYS A 306 2.79 22.62 6.42
C LYS A 306 4.17 22.01 6.69
N PRO A 307 4.83 21.49 5.64
CA PRO A 307 6.18 20.97 5.81
C PRO A 307 7.16 22.09 6.11
N SER A 308 8.18 21.80 6.90
CA SER A 308 9.33 22.67 7.01
C SER A 308 10.37 22.17 6.02
N GLN A 309 10.37 22.76 4.83
CA GLN A 309 11.34 22.39 3.80
C GLN A 309 12.71 22.83 4.23
N TYR A 310 13.73 22.14 3.76
CA TYR A 310 15.10 22.51 4.03
C TYR A 310 15.30 23.98 3.64
N ASP A 311 15.71 24.79 4.62
CA ASP A 311 15.85 26.25 4.46
C ASP A 311 16.78 26.76 5.55
N PRO A 312 18.10 26.65 5.33
CA PRO A 312 19.06 26.99 6.38
C PRO A 312 19.04 28.47 6.73
N GLN A 313 18.66 29.31 5.77
CA GLN A 313 18.52 30.73 6.03
C GLN A 313 17.46 30.98 7.10
N LYS A 314 16.31 30.30 6.94
CA LYS A 314 15.23 30.41 7.88
C LYS A 314 15.63 29.85 9.24
N ALA A 315 16.33 28.72 9.24
CA ALA A 315 16.79 28.12 10.52
C ALA A 315 17.68 29.11 11.27
N LYS A 316 18.60 29.74 10.54
CA LYS A 316 19.50 30.72 11.15
C LYS A 316 18.73 31.94 11.68
N ALA A 317 17.75 32.40 10.91
CA ALA A 317 17.01 33.59 11.29
C ALA A 317 16.18 33.27 12.53
N LEU A 318 15.63 32.06 12.61
CA LEU A 318 14.90 31.64 13.82
C LEU A 318 15.76 31.66 15.08
N LEU A 319 16.97 31.13 14.98
CA LEU A 319 17.92 31.08 16.07
C LEU A 319 18.35 32.49 16.47
N GLU A 320 18.65 33.33 15.47
CA GLU A 320 19.02 34.73 15.75
C GLU A 320 17.94 35.48 16.53
N LYS A 321 16.69 35.34 16.09
CA LYS A 321 15.57 36.03 16.71
C LYS A 321 15.42 35.59 18.17
N ALA A 322 15.76 34.33 18.44
CA ALA A 322 15.70 33.75 19.79
C ALA A 322 16.95 34.02 20.65
N GLY A 323 17.88 34.82 20.14
CA GLY A 323 19.06 35.21 20.90
C GLY A 323 20.26 34.31 20.82
N TRP A 324 20.22 33.34 19.91
CA TRP A 324 21.35 32.45 19.69
C TRP A 324 22.19 33.01 18.57
N THR A 325 23.31 33.65 18.92
CA THR A 325 24.12 34.35 17.91
C THR A 325 25.53 33.81 17.92
N LEU A 326 26.28 34.07 16.85
CA LEU A 326 27.60 33.52 16.69
C LEU A 326 28.66 34.44 17.32
N PRO A 327 29.48 33.91 18.25
CA PRO A 327 30.66 34.67 18.68
C PRO A 327 31.68 34.79 17.57
N ALA A 328 32.58 35.77 17.66
CA ALA A 328 33.74 35.82 16.78
C ALA A 328 34.78 34.86 17.36
N GLY A 329 35.51 34.12 16.55
CA GLY A 329 35.14 33.73 15.21
C GLY A 329 34.85 32.25 15.41
N LYS A 330 33.71 31.98 16.04
CA LYS A 330 33.26 30.61 16.28
C LYS A 330 32.09 30.27 15.38
N ASP A 331 31.86 28.99 15.17
CA ASP A 331 30.75 28.52 14.34
C ASP A 331 29.53 28.05 15.14
N ILE A 332 29.70 27.92 16.46
CA ILE A 332 28.61 27.45 17.32
C ILE A 332 28.02 28.61 18.08
N ARG A 333 26.72 28.78 17.92
CA ARG A 333 25.98 29.88 18.55
C ARG A 333 26.00 29.82 20.07
N GLU A 334 25.79 30.98 20.67
CA GLU A 334 25.75 31.14 22.12
C GLU A 334 24.60 32.05 22.53
N LYS A 335 24.06 31.81 23.72
CA LYS A 335 23.01 32.63 24.30
C LYS A 335 23.29 32.64 25.78
N ASN A 336 23.49 33.83 26.35
CA ASN A 336 23.92 33.96 27.74
C ASN A 336 25.26 33.25 28.00
N GLY A 337 26.16 33.32 27.01
CA GLY A 337 27.47 32.66 27.08
C GLY A 337 27.47 31.14 27.05
N GLN A 338 26.29 30.54 26.85
CA GLN A 338 26.14 29.08 26.78
C GLN A 338 25.95 28.62 25.34
N PRO A 339 26.70 27.58 24.93
CA PRO A 339 26.74 27.13 23.54
C PRO A 339 25.45 26.40 23.17
N LEU A 340 25.03 26.55 21.92
CA LEU A 340 23.90 25.79 21.39
C LEU A 340 24.38 24.36 21.13
N ARG A 341 24.24 23.53 22.16
CA ARG A 341 24.76 22.16 22.10
C ARG A 341 23.63 21.20 22.43
N ILE A 342 23.49 20.16 21.60
CA ILE A 342 22.41 19.18 21.73
C ILE A 342 23.01 17.80 21.64
N GLU A 343 22.66 16.92 22.57
CA GLU A 343 23.18 15.56 22.50
C GLU A 343 22.21 14.66 21.73
N LEU A 344 22.76 13.94 20.76
CA LEU A 344 22.05 12.91 20.00
C LEU A 344 22.54 11.52 20.44
N SER A 345 21.67 10.81 21.14
CA SER A 345 21.86 9.45 21.63
C SER A 345 21.43 8.42 20.60
N PHE A 346 22.26 7.40 20.38
CA PHE A 346 21.90 6.31 19.46
C PHE A 346 22.70 5.05 19.83
N ILE A 347 22.28 3.91 19.28
CA ILE A 347 22.98 2.64 19.50
C ILE A 347 24.31 2.66 18.74
N GLY A 348 25.39 2.62 19.50
CA GLY A 348 26.72 2.92 18.95
C GLY A 348 27.21 1.94 17.92
N THR A 349 26.74 0.70 17.99
CA THR A 349 27.16 -0.33 17.04
C THR A 349 26.25 -0.45 15.82
N ASP A 350 25.23 0.42 15.74
CA ASP A 350 24.31 0.41 14.61
C ASP A 350 24.88 1.36 13.58
N ALA A 351 25.51 0.79 12.54
CA ALA A 351 26.20 1.58 11.52
C ALA A 351 25.27 2.57 10.80
N LEU A 352 24.05 2.14 10.52
CA LEU A 352 23.08 3.03 9.89
C LEU A 352 22.72 4.23 10.77
N SER A 353 22.42 3.99 12.05
CA SER A 353 22.17 5.10 12.98
C SER A 353 23.37 6.03 13.03
N LYS A 354 24.58 5.48 13.08
CA LYS A 354 25.77 6.33 13.16
C LYS A 354 25.91 7.20 11.91
N SER A 355 25.66 6.60 10.75
CA SER A 355 25.73 7.31 9.48
C SER A 355 24.72 8.47 9.44
N MET A 356 23.48 8.19 9.85
CA MET A 356 22.48 9.24 9.88
C MET A 356 22.89 10.32 10.88
N ALA A 357 23.39 9.89 12.04
CA ALA A 357 23.81 10.82 13.07
C ALA A 357 24.90 11.78 12.58
N GLU A 358 25.90 11.22 11.88
CA GLU A 358 26.98 12.04 11.29
C GLU A 358 26.43 13.09 10.32
N ILE A 359 25.46 12.69 9.51
CA ILE A 359 24.80 13.63 8.58
C ILE A 359 24.04 14.71 9.34
N ILE A 360 23.26 14.31 10.34
CA ILE A 360 22.50 15.28 11.15
C ILE A 360 23.45 16.26 11.84
N GLN A 361 24.55 15.76 12.38
CA GLN A 361 25.53 16.60 13.07
C GLN A 361 26.07 17.67 12.09
N ALA A 362 26.48 17.23 10.91
CA ALA A 362 27.01 18.13 9.89
C ALA A 362 25.99 19.19 9.48
N ASP A 363 24.76 18.76 9.20
CA ASP A 363 23.70 19.69 8.82
C ASP A 363 23.43 20.72 9.91
N MET A 364 23.40 20.28 11.17
CA MET A 364 23.10 21.22 12.23
C MET A 364 24.24 22.16 12.54
N ARG A 365 25.48 21.72 12.28
CA ARG A 365 26.62 22.59 12.44
C ARG A 365 26.53 23.76 11.47
N GLN A 366 25.99 23.51 10.28
CA GLN A 366 25.86 24.56 9.28
C GLN A 366 24.94 25.71 9.70
N ILE A 367 24.04 25.45 10.67
CA ILE A 367 23.18 26.52 11.20
C ILE A 367 23.62 26.97 12.60
N GLY A 368 24.79 26.51 13.03
CA GLY A 368 25.39 26.93 14.30
C GLY A 368 24.99 26.18 15.56
N ALA A 369 24.46 24.97 15.38
CA ALA A 369 24.14 24.08 16.49
C ALA A 369 25.19 22.97 16.57
N ASP A 370 25.70 22.73 17.77
CA ASP A 370 26.68 21.68 18.00
C ASP A 370 25.99 20.41 18.52
N VAL A 371 25.91 19.41 17.66
CA VAL A 371 25.31 18.15 18.04
C VAL A 371 26.43 17.23 18.47
N SER A 372 26.34 16.77 19.71
CA SER A 372 27.33 15.84 20.21
C SER A 372 26.73 14.44 20.12
N LEU A 373 27.50 13.55 19.51
CA LEU A 373 27.10 12.16 19.25
C LEU A 373 27.41 11.27 20.45
N ILE A 374 26.38 10.67 21.02
CA ILE A 374 26.52 9.79 22.18
C ILE A 374 26.08 8.41 21.75
N GLY A 375 27.05 7.58 21.35
CA GLY A 375 26.77 6.21 20.90
C GLY A 375 26.95 5.26 22.07
N GLU A 376 25.88 4.57 22.44
CA GLU A 376 25.90 3.68 23.60
C GLU A 376 25.29 2.33 23.29
N GLU A 377 25.46 1.40 24.24
CA GLU A 377 24.86 0.07 24.08
C GLU A 377 23.34 0.17 24.13
N GLU A 378 22.69 -0.84 23.57
CA GLU A 378 21.23 -0.90 23.50
C GLU A 378 20.54 -0.61 24.84
N SER A 379 20.99 -1.29 25.90
CA SER A 379 20.38 -1.15 27.23
C SER A 379 20.36 0.29 27.74
N SER A 380 21.49 1.00 27.54
CA SER A 380 21.63 2.39 27.95
C SER A 380 20.73 3.32 27.14
N ILE A 381 20.57 3.03 25.85
CA ILE A 381 19.68 3.83 25.03
C ILE A 381 18.22 3.66 25.44
N TYR A 382 17.84 2.41 25.71
CA TYR A 382 16.49 2.14 26.17
C TYR A 382 16.20 2.85 27.48
N ALA A 383 17.18 2.83 28.38
CA ALA A 383 17.06 3.54 29.64
C ALA A 383 16.91 5.06 29.42
N ARG A 384 17.65 5.61 28.46
CA ARG A 384 17.56 7.03 28.18
C ARG A 384 16.18 7.45 27.69
N GLN A 385 15.59 6.66 26.79
CA GLN A 385 14.28 6.99 26.23
C GLN A 385 13.21 6.92 27.29
N ARG A 386 13.33 5.92 28.17
CA ARG A 386 12.33 5.68 29.20
C ARG A 386 12.32 6.85 30.20
N ASP A 387 13.51 7.39 30.47
CA ASP A 387 13.70 8.36 31.54
C ASP A 387 13.93 9.79 31.08
N GLY A 388 13.90 10.00 29.76
CA GLY A 388 14.01 11.34 29.21
C GLY A 388 15.41 11.92 29.28
N ARG A 389 16.41 11.04 29.40
CA ARG A 389 17.81 11.45 29.41
C ARG A 389 18.36 11.55 28.00
N PHE A 390 17.81 12.50 27.24
CA PHE A 390 18.26 12.73 25.87
C PHE A 390 17.96 14.14 25.44
N GLY A 391 18.71 14.63 24.46
CA GLY A 391 18.41 15.89 23.77
C GLY A 391 17.58 15.58 22.54
N MET A 392 18.14 14.72 21.68
CA MET A 392 17.46 14.12 20.54
C MET A 392 17.76 12.64 20.49
N ILE A 393 16.78 11.86 20.04
CA ILE A 393 17.00 10.45 19.80
C ILE A 393 16.36 10.07 18.48
N PHE A 394 16.85 9.02 17.85
CA PHE A 394 16.13 8.41 16.73
C PHE A 394 14.91 7.69 17.28
N HIS A 395 13.83 7.68 16.51
CA HIS A 395 12.56 7.10 16.99
C HIS A 395 11.75 6.73 15.76
N ARG A 396 10.81 5.80 15.89
CA ARG A 396 10.01 5.39 14.73
C ARG A 396 8.59 5.24 15.18
N THR A 397 7.67 5.36 14.23
CA THR A 397 6.28 4.96 14.49
C THR A 397 6.16 3.45 14.27
N TRP A 398 4.93 2.93 14.39
CA TRP A 398 4.76 1.51 14.58
C TRP A 398 4.14 0.77 13.41
N GLY A 399 3.68 1.52 12.40
CA GLY A 399 3.07 0.93 11.22
C GLY A 399 1.62 0.50 11.46
N ALA A 400 0.98 -0.03 10.43
CA ALA A 400 -0.43 -0.44 10.58
C ALA A 400 -0.50 -1.71 11.41
N PRO A 401 -1.57 -1.86 12.22
CA PRO A 401 -2.69 -0.97 12.48
C PRO A 401 -2.47 -0.04 13.69
N TYR A 402 -1.23 -0.01 14.19
CA TYR A 402 -0.88 0.82 15.34
C TYR A 402 -0.98 2.30 15.08
N ASP A 403 -0.60 2.71 13.87
CA ASP A 403 -0.59 4.12 13.49
C ASP A 403 -1.95 4.55 12.91
N PRO A 404 -2.56 5.62 13.46
CA PRO A 404 -2.06 6.50 14.50
C PRO A 404 -2.51 6.17 15.93
N HIS A 405 -3.59 5.42 16.09
CA HIS A 405 -4.29 5.42 17.40
C HIS A 405 -3.46 4.84 18.54
N ALA A 406 -2.74 3.74 18.31
CA ALA A 406 -1.98 3.09 19.37
C ALA A 406 -0.71 3.86 19.67
N PHE A 407 -0.08 4.38 18.62
CA PHE A 407 1.07 5.24 18.81
C PHE A 407 0.70 6.48 19.63
N LEU A 408 -0.44 7.10 19.33
CA LEU A 408 -0.88 8.27 20.09
C LEU A 408 -1.23 7.85 21.50
N SER A 409 -1.94 6.73 21.65
CA SER A 409 -2.35 6.28 22.97
C SER A 409 -1.15 6.19 23.89
N SER A 410 -0.07 5.63 23.36
CA SER A 410 1.16 5.39 24.09
C SER A 410 1.92 6.65 24.50
N MET A 411 1.57 7.80 23.91
CA MET A 411 2.23 9.06 24.24
C MET A 411 1.89 9.50 25.65
N ARG A 412 0.83 8.91 26.20
CA ARG A 412 0.41 9.24 27.56
C ARG A 412 1.17 8.49 28.63
N VAL A 413 1.89 7.44 28.23
CA VAL A 413 2.68 6.61 29.16
C VAL A 413 4.02 7.27 29.53
N PRO A 414 4.20 7.68 30.81
CA PRO A 414 5.39 8.49 31.12
C PRO A 414 6.73 7.81 30.90
N SER A 415 6.77 6.50 31.00
CA SER A 415 8.03 5.79 30.88
C SER A 415 8.30 5.40 29.43
N HIS A 416 7.93 6.26 28.50
CA HIS A 416 8.31 6.02 27.09
C HIS A 416 8.77 7.31 26.45
N ALA A 417 9.52 7.15 25.36
CA ALA A 417 10.19 8.25 24.69
C ALA A 417 9.29 9.42 24.30
N ASP A 418 8.09 9.13 23.81
CA ASP A 418 7.22 10.21 23.31
C ASP A 418 6.70 11.11 24.41
N PHE A 419 6.26 10.51 25.52
CA PHE A 419 5.86 11.32 26.65
C PHE A 419 7.04 12.18 27.10
N GLN A 420 8.20 11.55 27.24
CA GLN A 420 9.41 12.22 27.70
C GLN A 420 9.78 13.37 26.78
N ALA A 421 9.66 13.15 25.46
CA ALA A 421 9.94 14.25 24.53
C ALA A 421 8.92 15.37 24.63
N GLN A 422 7.67 15.04 24.98
CA GLN A 422 6.58 16.01 25.00
C GLN A 422 6.40 16.69 26.37
N GLN A 423 7.19 16.25 27.35
CA GLN A 423 6.92 16.57 28.77
C GLN A 423 6.97 18.08 29.04
N GLY A 424 7.82 18.79 28.32
CA GLY A 424 7.95 20.22 28.49
C GLY A 424 6.92 21.10 27.84
N LEU A 425 5.99 20.53 27.06
CA LEU A 425 5.00 21.36 26.37
C LEU A 425 3.94 21.87 27.33
N ALA A 426 3.64 23.17 27.27
CA ALA A 426 2.57 23.74 28.08
C ALA A 426 1.22 23.05 27.85
N ASP A 427 0.95 22.61 26.61
CA ASP A 427 -0.31 21.93 26.30
C ASP A 427 -0.23 20.39 26.36
N LYS A 428 0.80 19.86 27.00
CA LYS A 428 0.89 18.39 27.14
C LYS A 428 -0.34 17.77 27.84
N PRO A 429 -0.81 18.36 28.96
CA PRO A 429 -2.03 17.80 29.56
C PRO A 429 -3.26 17.81 28.64
N LEU A 430 -3.42 18.88 27.86
CA LEU A 430 -4.52 18.97 26.90
C LEU A 430 -4.39 17.89 25.83
N ILE A 431 -3.17 17.73 25.31
CA ILE A 431 -2.88 16.68 24.32
C ILE A 431 -3.28 15.31 24.89
N ASP A 432 -2.88 15.02 26.11
CA ASP A 432 -3.15 13.73 26.72
C ASP A 432 -4.65 13.53 26.98
N LYS A 433 -5.35 14.61 27.36
CA LYS A 433 -6.81 14.58 27.52
C LYS A 433 -7.47 14.24 26.20
N GLU A 434 -7.01 14.91 25.13
CA GLU A 434 -7.59 14.70 23.80
C GLU A 434 -7.32 13.31 23.26
N ILE A 435 -6.16 12.75 23.57
CA ILE A 435 -5.84 11.37 23.16
C ILE A 435 -6.82 10.38 23.84
N GLY A 436 -7.07 10.57 25.13
CA GLY A 436 -8.07 9.75 25.82
C GLY A 436 -9.43 9.88 25.16
N GLU A 437 -9.80 11.12 24.82
CA GLU A 437 -11.09 11.41 24.23
C GLU A 437 -11.28 10.79 22.86
N VAL A 438 -10.23 10.81 22.04
CA VAL A 438 -10.34 10.35 20.66
C VAL A 438 -10.57 8.83 20.60
N LEU A 439 -10.02 8.13 21.59
CA LEU A 439 -10.10 6.68 21.66
C LEU A 439 -11.50 6.19 22.06
N ALA A 440 -12.23 7.07 22.76
CA ALA A 440 -13.52 6.74 23.35
C ALA A 440 -14.72 7.34 22.64
N THR A 441 -14.47 8.25 21.71
CA THR A 441 -15.58 8.96 21.11
C THR A 441 -16.30 8.11 20.06
N HIS A 442 -17.62 8.23 20.04
CA HIS A 442 -18.45 7.54 19.05
C HIS A 442 -18.78 8.48 17.89
N ASP A 443 -18.61 9.78 18.13
CA ASP A 443 -18.87 10.80 17.13
C ASP A 443 -17.69 10.89 16.16
N GLU A 444 -17.90 10.45 14.92
CA GLU A 444 -16.83 10.42 13.89
C GLU A 444 -16.30 11.80 13.58
N THR A 445 -17.18 12.81 13.57
CA THR A 445 -16.75 14.17 13.33
C THR A 445 -15.80 14.65 14.43
N GLN A 446 -16.16 14.35 15.69
CA GLN A 446 -15.34 14.70 16.83
C GLN A 446 -14.00 13.94 16.80
N ARG A 447 -14.06 12.68 16.40
CA ARG A 447 -12.85 11.86 16.34
C ARG A 447 -11.85 12.48 15.38
N GLN A 448 -12.32 12.82 14.19
CA GLN A 448 -11.46 13.47 13.19
C GLN A 448 -10.91 14.80 13.68
N ALA A 449 -11.76 15.59 14.37
CA ALA A 449 -11.33 16.90 14.89
C ALA A 449 -10.26 16.77 15.96
N LEU A 450 -10.42 15.77 16.82
CA LEU A 450 -9.47 15.49 17.89
C LEU A 450 -8.14 15.02 17.31
N TYR A 451 -8.17 14.06 16.40
CA TYR A 451 -6.91 13.67 15.71
C TYR A 451 -6.26 14.88 15.02
N ARG A 452 -7.05 15.71 14.34
CA ARG A 452 -6.48 16.92 13.73
C ARG A 452 -5.79 17.77 14.78
N ASP A 453 -6.45 18.01 15.91
CA ASP A 453 -5.86 18.88 16.93
C ASP A 453 -4.59 18.32 17.56
N ILE A 454 -4.61 17.04 17.89
CA ILE A 454 -3.45 16.39 18.50
C ILE A 454 -2.26 16.47 17.54
N LEU A 455 -2.50 16.09 16.29
CA LEU A 455 -1.40 16.01 15.34
C LEU A 455 -0.92 17.40 14.91
N THR A 456 -1.84 18.36 14.87
CA THR A 456 -1.49 19.74 14.56
C THR A 456 -0.67 20.37 15.67
N ARG A 457 -1.02 20.14 16.94
CA ARG A 457 -0.18 20.63 18.04
C ARG A 457 1.21 20.02 17.98
N LEU A 458 1.30 18.70 17.79
CA LEU A 458 2.60 18.05 17.76
C LEU A 458 3.47 18.53 16.61
N HIS A 459 2.84 18.76 15.47
CA HIS A 459 3.52 19.34 14.32
C HIS A 459 3.96 20.79 14.58
N ASP A 460 3.00 21.64 14.94
CA ASP A 460 3.29 23.08 15.14
C ASP A 460 4.28 23.35 16.26
N GLU A 461 4.30 22.46 17.26
CA GLU A 461 5.24 22.58 18.40
C GLU A 461 6.59 21.92 18.13
N ALA A 462 6.77 21.39 16.92
CA ALA A 462 8.05 20.84 16.47
C ALA A 462 8.66 19.85 17.47
N VAL A 463 7.82 18.95 17.98
CA VAL A 463 8.29 17.92 18.91
C VAL A 463 9.22 16.94 18.19
N TYR A 464 8.90 16.66 16.93
CA TYR A 464 9.65 15.68 16.16
C TYR A 464 10.37 16.36 15.00
N LEU A 465 11.36 15.67 14.47
CA LEU A 465 12.03 16.03 13.23
C LEU A 465 11.86 14.81 12.32
N PRO A 466 10.73 14.75 11.59
CA PRO A 466 10.50 13.61 10.68
C PRO A 466 11.59 13.55 9.63
N ILE A 467 12.09 12.34 9.36
CA ILE A 467 13.21 12.15 8.43
C ILE A 467 12.73 11.42 7.17
N SER A 468 12.17 10.23 7.35
CA SER A 468 11.78 9.45 6.19
C SER A 468 10.69 8.44 6.49
N TYR A 469 9.98 8.03 5.45
CA TYR A 469 8.99 6.93 5.55
C TYR A 469 9.70 5.75 4.99
N ILE A 470 9.87 4.73 5.83
CA ILE A 470 10.66 3.56 5.46
C ILE A 470 9.83 2.40 4.97
N SER A 471 10.47 1.52 4.19
CA SER A 471 9.78 0.42 3.51
C SER A 471 10.28 -0.92 4.00
N MET A 472 9.48 -1.95 3.80
CA MET A 472 9.97 -3.32 3.98
C MET A 472 10.85 -3.69 2.80
N MET A 473 11.84 -4.54 3.05
CA MET A 473 12.75 -4.95 2.00
C MET A 473 12.80 -6.47 1.96
N VAL A 474 12.99 -7.02 0.77
CA VAL A 474 13.10 -8.45 0.64
C VAL A 474 14.28 -8.78 -0.26
N VAL A 475 15.01 -9.84 0.10
CA VAL A 475 16.00 -10.40 -0.80
C VAL A 475 15.72 -11.90 -0.81
N SER A 476 15.60 -12.51 -1.98
CA SER A 476 15.27 -13.94 -2.02
C SER A 476 15.88 -14.66 -3.21
N LYS A 477 16.04 -15.98 -3.07
CA LYS A 477 16.32 -16.80 -4.24
C LYS A 477 15.12 -16.77 -5.19
N PRO A 478 15.35 -16.56 -6.50
CA PRO A 478 14.27 -16.45 -7.48
C PRO A 478 13.26 -17.59 -7.46
N GLU A 479 13.71 -18.81 -7.13
CA GLU A 479 12.83 -19.96 -7.08
C GLU A 479 11.65 -19.81 -6.09
N LEU A 480 11.81 -18.95 -5.07
CA LEU A 480 10.72 -18.70 -4.10
C LEU A 480 9.58 -17.86 -4.68
N GLY A 481 9.83 -17.15 -5.77
CA GLY A 481 8.78 -16.37 -6.41
C GLY A 481 8.58 -15.03 -5.74
N ASN A 482 7.47 -14.38 -6.08
CA ASN A 482 7.13 -13.08 -5.50
C ASN A 482 6.80 -13.30 -4.02
N ILE A 483 7.36 -12.46 -3.17
CA ILE A 483 7.15 -12.57 -1.74
C ILE A 483 6.09 -11.55 -1.31
N PRO A 484 4.94 -12.04 -0.79
CA PRO A 484 3.90 -11.11 -0.34
C PRO A 484 4.28 -10.39 0.96
N TYR A 485 3.56 -9.31 1.27
CA TYR A 485 3.69 -8.62 2.54
C TYR A 485 2.50 -8.89 3.44
N ALA A 486 2.74 -8.92 4.75
CA ALA A 486 1.62 -8.96 5.69
C ALA A 486 1.07 -7.56 5.97
N PRO A 487 -0.26 -7.42 6.15
CA PRO A 487 -0.93 -6.16 6.51
C PRO A 487 -0.34 -5.55 7.79
N ILE A 488 -0.06 -6.40 8.78
CA ILE A 488 0.58 -5.91 10.00
C ILE A 488 2.07 -5.86 9.78
N ALA A 489 2.62 -4.66 9.96
CA ALA A 489 4.04 -4.41 9.67
C ALA A 489 5.05 -5.33 10.36
N THR A 490 4.70 -5.91 11.51
CA THR A 490 5.65 -6.76 12.24
C THR A 490 5.53 -8.26 11.93
N GLU A 491 4.63 -8.61 11.03
CA GLU A 491 4.40 -10.02 10.70
C GLU A 491 5.07 -10.36 9.38
N ILE A 492 5.37 -11.65 9.22
CA ILE A 492 5.95 -12.16 7.96
C ILE A 492 5.04 -13.26 7.42
N PRO A 493 4.52 -13.07 6.20
CA PRO A 493 3.47 -13.95 5.69
C PRO A 493 3.99 -15.26 5.11
N PHE A 494 4.71 -16.05 5.92
CA PHE A 494 5.30 -17.29 5.41
C PHE A 494 4.28 -18.24 4.80
N GLU A 495 3.05 -18.22 5.32
CA GLU A 495 1.99 -19.12 4.87
C GLU A 495 1.49 -18.79 3.47
N GLN A 496 1.92 -17.65 2.93
CA GLN A 496 1.45 -17.16 1.64
C GLN A 496 2.51 -17.34 0.56
N ILE A 497 3.70 -17.76 0.97
CA ILE A 497 4.79 -17.98 0.02
C ILE A 497 4.50 -19.24 -0.77
N LYS A 498 4.59 -19.14 -2.10
CA LYS A 498 4.11 -20.19 -3.00
C LYS A 498 5.03 -20.31 -4.21
N PRO A 499 6.08 -21.15 -4.09
CA PRO A 499 6.91 -21.53 -5.23
C PRO A 499 6.12 -22.40 -6.22
N ASP B 4 -28.18 5.96 6.40
CA ASP B 4 -27.90 4.72 5.62
C ASP B 4 -28.18 4.89 4.12
N GLU B 5 -28.31 6.13 3.67
CA GLU B 5 -28.32 6.46 2.25
C GLU B 5 -27.23 7.49 1.96
N ILE B 6 -26.50 7.30 0.86
CA ILE B 6 -25.45 8.26 0.48
C ILE B 6 -25.60 8.72 -0.97
N THR B 7 -25.02 9.87 -1.27
CA THR B 7 -24.99 10.39 -2.63
C THR B 7 -23.54 10.67 -2.99
N THR B 8 -23.16 10.29 -4.20
CA THR B 8 -21.80 10.53 -4.71
C THR B 8 -21.91 11.03 -6.16
N ALA B 9 -20.79 11.04 -6.88
CA ALA B 9 -20.81 11.51 -8.25
C ALA B 9 -19.93 10.64 -9.11
N TRP B 10 -20.23 10.66 -10.41
CA TRP B 10 -19.38 10.03 -11.41
C TRP B 10 -19.47 10.92 -12.66
N PRO B 11 -18.42 10.94 -13.51
CA PRO B 11 -18.51 11.88 -14.64
C PRO B 11 -19.51 11.47 -15.73
N VAL B 12 -19.87 10.18 -15.75
CA VAL B 12 -20.79 9.61 -16.72
C VAL B 12 -21.76 8.66 -16.03
N ASN B 13 -22.83 8.25 -16.73
CA ASN B 13 -23.71 7.20 -16.20
C ASN B 13 -22.95 5.88 -16.11
N VAL B 14 -23.46 4.94 -15.31
CA VAL B 14 -22.76 3.66 -15.11
C VAL B 14 -22.79 2.78 -16.37
N GLY B 15 -23.75 3.05 -17.26
CA GLY B 15 -23.95 2.25 -18.46
C GLY B 15 -25.00 1.16 -18.28
N PRO B 16 -25.13 0.24 -19.26
CA PRO B 16 -26.07 -0.89 -19.20
C PRO B 16 -25.75 -1.90 -18.10
N LEU B 17 -24.49 -1.89 -17.65
CA LEU B 17 -23.94 -2.90 -16.76
C LEU B 17 -24.06 -4.32 -17.35
N ASN B 18 -23.67 -4.42 -18.61
CA ASN B 18 -23.36 -5.72 -19.18
C ASN B 18 -22.06 -6.19 -18.55
N PRO B 19 -22.08 -7.36 -17.90
CA PRO B 19 -20.84 -7.77 -17.21
C PRO B 19 -19.69 -8.14 -18.16
N HIS B 20 -19.99 -8.31 -19.45
CA HIS B 20 -19.03 -8.90 -20.38
C HIS B 20 -18.52 -7.92 -21.43
N LEU B 21 -18.89 -6.65 -21.29
CA LEU B 21 -18.49 -5.65 -22.25
C LEU B 21 -17.76 -4.49 -21.58
N TYR B 22 -17.20 -3.61 -22.40
CA TYR B 22 -16.30 -2.57 -21.94
C TYR B 22 -17.00 -1.23 -22.00
N THR B 23 -16.39 -0.17 -22.52
CA THR B 23 -17.09 1.12 -22.56
C THR B 23 -18.44 0.90 -23.29
N PRO B 24 -19.53 1.57 -22.84
CA PRO B 24 -19.69 2.59 -21.82
C PRO B 24 -19.88 2.08 -20.40
N ASN B 25 -19.74 0.77 -20.18
CA ASN B 25 -19.90 0.22 -18.83
C ASN B 25 -18.76 0.70 -17.95
N GLN B 26 -19.10 1.20 -16.76
CA GLN B 26 -18.12 1.65 -15.77
C GLN B 26 -17.76 0.50 -14.85
N MET B 27 -16.45 0.21 -14.77
CA MET B 27 -15.96 -0.94 -14.04
C MET B 27 -16.39 -0.99 -12.58
N PHE B 28 -16.37 0.16 -11.90
CA PHE B 28 -16.74 0.18 -10.47
C PHE B 28 -18.16 -0.37 -10.29
N ALA B 29 -19.03 -0.04 -11.24
CA ALA B 29 -20.44 -0.40 -11.16
C ALA B 29 -20.67 -1.85 -11.55
N GLN B 30 -19.95 -2.33 -12.57
CA GLN B 30 -19.94 -3.77 -12.81
C GLN B 30 -19.52 -4.53 -11.56
N SER B 31 -18.52 -4.01 -10.85
CA SER B 31 -18.04 -4.67 -9.64
C SER B 31 -19.01 -4.63 -8.44
N MET B 32 -19.91 -3.64 -8.44
CA MET B 32 -20.94 -3.54 -7.39
C MET B 32 -22.02 -4.60 -7.56
N VAL B 33 -22.26 -4.97 -8.82
CA VAL B 33 -23.39 -5.85 -9.17
C VAL B 33 -22.96 -7.30 -9.40
N TYR B 34 -21.76 -7.47 -9.98
CA TYR B 34 -21.31 -8.76 -10.40
C TYR B 34 -20.09 -9.21 -9.62
N GLU B 35 -19.99 -10.52 -9.45
CA GLU B 35 -18.95 -11.10 -8.60
C GLU B 35 -18.14 -12.17 -9.32
N PRO B 36 -16.89 -12.40 -8.87
CA PRO B 36 -16.03 -13.39 -9.47
C PRO B 36 -16.01 -14.71 -8.69
N LEU B 37 -15.45 -15.75 -9.31
CA LEU B 37 -15.30 -17.05 -8.65
C LEU B 37 -14.37 -16.95 -7.45
N VAL B 38 -13.32 -16.14 -7.59
CA VAL B 38 -12.33 -15.90 -6.53
C VAL B 38 -12.07 -14.39 -6.45
N LYS B 39 -11.72 -13.91 -5.26
CA LYS B 39 -11.63 -12.47 -5.00
C LYS B 39 -10.18 -12.04 -4.71
N TYR B 40 -9.77 -10.94 -5.34
CA TYR B 40 -8.41 -10.42 -5.18
C TYR B 40 -8.20 -9.77 -3.82
N GLN B 41 -7.04 -10.01 -3.22
CA GLN B 41 -6.70 -9.42 -1.91
C GLN B 41 -5.50 -8.50 -2.03
N ALA B 42 -5.40 -7.52 -1.15
CA ALA B 42 -4.30 -6.53 -1.21
C ALA B 42 -2.90 -7.14 -1.17
N ASP B 43 -2.74 -8.32 -0.57
CA ASP B 43 -1.41 -8.98 -0.58
C ASP B 43 -1.09 -9.72 -1.88
N GLY B 44 -2.01 -9.66 -2.85
CA GLY B 44 -1.73 -10.25 -4.14
C GLY B 44 -2.28 -11.65 -4.30
N SER B 45 -2.85 -12.20 -3.23
CA SER B 45 -3.43 -13.53 -3.29
C SER B 45 -4.90 -13.42 -3.70
N VAL B 46 -5.53 -14.56 -3.94
CA VAL B 46 -7.00 -14.60 -4.05
C VAL B 46 -7.60 -15.44 -2.92
N ILE B 47 -8.83 -15.12 -2.55
CA ILE B 47 -9.59 -15.94 -1.58
C ILE B 47 -10.82 -16.53 -2.29
N PRO B 48 -11.30 -17.69 -1.82
CA PRO B 48 -12.55 -18.25 -2.32
C PRO B 48 -13.65 -17.20 -2.31
N TRP B 49 -14.49 -17.19 -3.33
CA TRP B 49 -15.60 -16.25 -3.34
C TRP B 49 -16.87 -16.99 -3.77
N LEU B 50 -17.28 -16.84 -5.03
CA LEU B 50 -18.38 -17.65 -5.57
C LEU B 50 -18.01 -19.12 -5.66
N ALA B 51 -16.73 -19.39 -5.90
CA ALA B 51 -16.18 -20.73 -5.76
C ALA B 51 -15.70 -20.88 -4.32
N LYS B 52 -16.22 -21.92 -3.64
CA LYS B 52 -15.92 -22.21 -2.25
C LYS B 52 -14.54 -22.87 -2.10
N SER B 53 -14.18 -23.70 -3.08
CA SER B 53 -12.91 -24.42 -3.10
C SER B 53 -12.57 -24.84 -4.53
N TRP B 54 -11.35 -25.33 -4.76
CA TRP B 54 -10.95 -25.81 -6.09
C TRP B 54 -9.81 -26.83 -6.08
N THR B 55 -9.73 -27.62 -7.16
CA THR B 55 -8.62 -28.54 -7.41
C THR B 55 -8.13 -28.38 -8.85
N HIS B 56 -6.91 -28.82 -9.11
CA HIS B 56 -6.36 -28.81 -10.47
C HIS B 56 -5.57 -30.09 -10.75
N SER B 57 -5.65 -30.56 -12.01
CA SER B 57 -4.89 -31.72 -12.45
C SER B 57 -3.39 -31.40 -12.42
N GLU B 58 -2.56 -32.44 -12.26
CA GLU B 58 -1.11 -32.28 -12.16
C GLU B 58 -0.49 -31.41 -13.26
N ASP B 59 -0.99 -31.55 -14.48
CA ASP B 59 -0.50 -30.75 -15.62
C ASP B 59 -0.97 -29.28 -15.60
N GLY B 60 -1.80 -28.95 -14.62
CA GLY B 60 -2.29 -27.58 -14.42
C GLY B 60 -3.13 -27.03 -15.56
N LYS B 61 -3.78 -27.92 -16.30
CA LYS B 61 -4.54 -27.54 -17.49
C LYS B 61 -6.04 -27.70 -17.30
N THR B 62 -6.43 -28.51 -16.31
CA THR B 62 -7.83 -28.76 -16.00
C THR B 62 -8.11 -28.33 -14.56
N TRP B 63 -9.12 -27.50 -14.39
CA TRP B 63 -9.48 -26.98 -13.08
C TRP B 63 -10.92 -27.28 -12.74
N THR B 64 -11.16 -27.71 -11.50
CA THR B 64 -12.51 -28.03 -11.04
C THR B 64 -12.85 -27.22 -9.79
N PHE B 65 -13.77 -26.26 -9.96
CA PHE B 65 -14.21 -25.40 -8.89
C PHE B 65 -15.49 -25.95 -8.26
N THR B 66 -15.54 -25.98 -6.93
CA THR B 66 -16.77 -26.29 -6.22
C THR B 66 -17.41 -24.99 -5.76
N LEU B 67 -18.57 -24.68 -6.34
CA LEU B 67 -19.24 -23.41 -6.11
C LEU B 67 -19.99 -23.42 -4.80
N ARG B 68 -20.12 -22.24 -4.19
CA ARG B 68 -21.00 -22.10 -3.05
C ARG B 68 -22.37 -22.59 -3.48
N ASP B 69 -23.10 -23.19 -2.55
CA ASP B 69 -24.43 -23.71 -2.88
C ASP B 69 -25.54 -22.81 -2.34
N ASP B 70 -25.15 -21.67 -1.76
CA ASP B 70 -26.09 -20.77 -1.08
C ASP B 70 -26.31 -19.42 -1.76
N VAL B 71 -25.94 -19.29 -3.02
CA VAL B 71 -25.89 -17.98 -3.70
C VAL B 71 -27.04 -17.79 -4.68
N LYS B 72 -27.77 -16.69 -4.54
CA LYS B 72 -28.82 -16.34 -5.48
C LYS B 72 -28.48 -15.05 -6.23
N PHE B 73 -28.81 -15.00 -7.51
CA PHE B 73 -28.89 -13.75 -8.23
C PHE B 73 -29.93 -12.89 -7.53
N SER B 74 -29.90 -11.58 -7.74
CA SER B 74 -30.75 -10.65 -6.98
C SER B 74 -32.27 -10.79 -7.25
N ASN B 75 -32.62 -11.46 -8.35
CA ASN B 75 -34.02 -11.80 -8.65
C ASN B 75 -34.45 -13.14 -8.05
N GLY B 76 -33.58 -13.74 -7.25
CA GLY B 76 -33.85 -15.00 -6.56
C GLY B 76 -33.40 -16.26 -7.30
N GLU B 77 -32.97 -16.11 -8.56
CA GLU B 77 -32.57 -17.27 -9.34
C GLU B 77 -31.23 -17.83 -8.84
N PRO B 78 -31.07 -19.16 -8.89
CA PRO B 78 -29.88 -19.74 -8.26
C PRO B 78 -28.63 -19.50 -9.10
N PHE B 79 -27.53 -19.27 -8.40
CA PHE B 79 -26.23 -19.35 -9.05
C PHE B 79 -25.71 -20.77 -8.91
N ASP B 80 -25.53 -21.45 -10.04
CA ASP B 80 -25.05 -22.82 -10.04
C ASP B 80 -24.03 -22.99 -11.13
N ALA B 81 -23.43 -24.17 -11.20
CA ALA B 81 -22.41 -24.46 -12.21
C ALA B 81 -22.90 -24.24 -13.65
N GLU B 82 -24.17 -24.52 -13.92
CA GLU B 82 -24.72 -24.27 -15.25
C GLU B 82 -24.79 -22.77 -15.59
N ALA B 83 -25.22 -21.96 -14.62
CA ALA B 83 -25.26 -20.51 -14.80
C ALA B 83 -23.86 -19.97 -15.06
N ALA B 84 -22.89 -20.45 -14.29
CA ALA B 84 -21.49 -20.04 -14.48
C ALA B 84 -20.99 -20.47 -15.86
N ALA B 85 -21.26 -21.71 -16.24
CA ALA B 85 -20.82 -22.22 -17.54
C ALA B 85 -21.40 -21.42 -18.70
N GLU B 86 -22.67 -21.05 -18.58
CA GLU B 86 -23.36 -20.25 -19.60
C GLU B 86 -22.71 -18.88 -19.77
N ASN B 87 -22.29 -18.29 -18.65
CA ASN B 87 -21.57 -17.02 -18.67
C ASN B 87 -20.23 -17.14 -19.40
N PHE B 88 -19.45 -18.16 -19.08
CA PHE B 88 -18.19 -18.36 -19.81
C PHE B 88 -18.43 -18.48 -21.30
N ARG B 89 -19.45 -19.26 -21.67
CA ARG B 89 -19.78 -19.39 -23.08
C ARG B 89 -20.12 -18.04 -23.71
N ALA B 90 -20.94 -17.25 -23.00
CA ALA B 90 -21.31 -15.92 -23.50
C ALA B 90 -20.07 -15.03 -23.71
N VAL B 91 -19.15 -15.04 -22.75
CA VAL B 91 -17.92 -14.25 -22.88
C VAL B 91 -17.10 -14.76 -24.07
N LEU B 92 -16.88 -16.06 -24.13
CA LEU B 92 -15.98 -16.60 -25.17
C LEU B 92 -16.56 -16.66 -26.59
N ASP B 93 -17.87 -16.49 -26.74
CA ASP B 93 -18.45 -16.24 -28.06
C ASP B 93 -17.97 -14.90 -28.65
N ASN B 94 -17.38 -14.05 -27.80
CA ASN B 94 -16.87 -12.75 -28.18
C ASN B 94 -15.37 -12.68 -27.86
N ARG B 95 -14.70 -13.83 -27.95
CA ARG B 95 -13.29 -14.01 -27.56
C ARG B 95 -12.32 -12.91 -28.03
N GLN B 96 -12.44 -12.50 -29.30
CA GLN B 96 -11.55 -11.52 -29.94
C GLN B 96 -11.49 -10.19 -29.18
N ARG B 97 -12.63 -9.77 -28.64
CA ARG B 97 -12.74 -8.52 -27.87
C ARG B 97 -11.96 -8.57 -26.55
N HIS B 98 -11.68 -9.78 -26.07
CA HIS B 98 -10.98 -9.98 -24.82
C HIS B 98 -9.53 -10.35 -25.04
N ALA B 99 -9.02 -10.09 -26.25
CA ALA B 99 -7.64 -10.45 -26.64
C ALA B 99 -6.55 -9.90 -25.70
N TRP B 100 -6.78 -8.69 -25.18
CA TRP B 100 -5.87 -8.07 -24.20
C TRP B 100 -5.62 -8.93 -22.97
N LEU B 101 -6.61 -9.75 -22.62
CA LEU B 101 -6.54 -10.60 -21.46
C LEU B 101 -6.24 -12.03 -21.87
N GLU B 102 -5.03 -12.48 -21.55
CA GLU B 102 -4.56 -13.78 -22.06
C GLU B 102 -5.41 -14.98 -21.63
N LEU B 103 -5.98 -14.94 -20.43
CA LEU B 103 -6.94 -15.96 -20.01
C LEU B 103 -8.03 -16.25 -21.06
N ALA B 104 -8.52 -15.22 -21.75
CA ALA B 104 -9.56 -15.41 -22.77
C ALA B 104 -9.07 -16.20 -23.98
N ASN B 105 -7.77 -16.16 -24.25
CA ASN B 105 -7.13 -16.95 -25.30
C ASN B 105 -6.84 -18.37 -24.83
N GLN B 106 -6.84 -18.55 -23.50
CA GLN B 106 -6.41 -19.80 -22.85
C GLN B 106 -7.53 -20.82 -22.59
N ILE B 107 -8.75 -20.34 -22.40
CA ILE B 107 -9.85 -21.25 -22.05
C ILE B 107 -10.30 -22.05 -23.28
N VAL B 108 -10.26 -23.36 -23.13
CA VAL B 108 -10.58 -24.32 -24.20
C VAL B 108 -12.01 -24.84 -24.04
N ASP B 109 -12.38 -25.16 -22.80
CA ASP B 109 -13.68 -25.73 -22.51
C ASP B 109 -14.13 -25.34 -21.10
N VAL B 110 -15.44 -25.16 -20.93
CA VAL B 110 -16.06 -24.95 -19.64
C VAL B 110 -17.36 -25.76 -19.60
N LYS B 111 -17.50 -26.59 -18.57
CA LYS B 111 -18.68 -27.43 -18.44
C LYS B 111 -19.05 -27.65 -16.99
N ALA B 112 -20.34 -27.75 -16.74
CA ALA B 112 -20.86 -28.06 -15.42
C ALA B 112 -20.90 -29.58 -15.28
N LEU B 113 -20.19 -30.07 -14.27
CA LEU B 113 -20.12 -31.51 -14.00
C LEU B 113 -21.29 -31.94 -13.13
N SER B 114 -21.78 -31.00 -12.32
CA SER B 114 -22.94 -31.18 -11.45
C SER B 114 -23.50 -29.79 -11.15
N LYS B 115 -24.37 -29.68 -10.15
CA LYS B 115 -24.94 -28.39 -9.77
C LYS B 115 -23.91 -27.44 -9.15
N THR B 116 -22.92 -28.02 -8.46
CA THR B 116 -21.92 -27.24 -7.71
C THR B 116 -20.50 -27.35 -8.28
N GLU B 117 -20.32 -28.12 -9.35
CA GLU B 117 -19.00 -28.48 -9.82
C GLU B 117 -18.76 -27.93 -11.22
N LEU B 118 -17.81 -27.01 -11.33
CA LEU B 118 -17.54 -26.32 -12.60
C LEU B 118 -16.15 -26.63 -13.09
N GLN B 119 -16.05 -27.17 -14.31
CA GLN B 119 -14.75 -27.57 -14.85
C GLN B 119 -14.29 -26.69 -16.00
N ILE B 120 -13.14 -26.06 -15.81
CA ILE B 120 -12.53 -25.22 -16.83
C ILE B 120 -11.22 -25.84 -17.30
N THR B 121 -11.08 -26.03 -18.60
CA THR B 121 -9.82 -26.52 -19.17
C THR B 121 -9.16 -25.44 -20.03
N LEU B 122 -7.82 -25.40 -19.96
CA LEU B 122 -7.02 -24.38 -20.61
C LEU B 122 -6.10 -24.96 -21.69
N LYS B 123 -5.60 -24.09 -22.58
CA LYS B 123 -4.58 -24.45 -23.56
C LYS B 123 -3.33 -25.01 -22.87
N SER B 124 -3.02 -24.44 -21.71
CA SER B 124 -1.77 -24.71 -21.00
C SER B 124 -1.94 -24.46 -19.50
N ALA B 125 -0.84 -24.54 -18.76
CA ALA B 125 -0.82 -24.25 -17.34
C ALA B 125 -0.44 -22.79 -17.09
N TYR B 126 -1.47 -21.94 -16.98
CA TYR B 126 -1.36 -20.48 -16.98
C TYR B 126 -1.30 -19.89 -15.55
N TYR B 127 -0.18 -19.28 -15.19
CA TYR B 127 0.04 -18.76 -13.80
C TYR B 127 -0.92 -17.65 -13.33
N PRO B 128 -1.31 -16.71 -14.23
CA PRO B 128 -2.23 -15.66 -13.80
C PRO B 128 -3.71 -16.06 -13.77
N PHE B 129 -4.01 -17.35 -13.94
CA PHE B 129 -5.40 -17.85 -14.07
C PHE B 129 -6.36 -17.27 -13.03
N LEU B 130 -6.05 -17.49 -11.75
CA LEU B 130 -6.92 -17.06 -10.66
C LEU B 130 -7.02 -15.55 -10.50
N GLN B 131 -5.91 -14.83 -10.64
CA GLN B 131 -5.99 -13.36 -10.53
C GLN B 131 -6.79 -12.75 -11.69
N GLU B 132 -6.77 -13.42 -12.85
CA GLU B 132 -7.54 -12.94 -14.01
C GLU B 132 -9.04 -13.27 -13.87
N LEU B 133 -9.36 -14.38 -13.22
CA LEU B 133 -10.75 -14.65 -12.82
C LEU B 133 -11.30 -13.59 -11.86
N ALA B 134 -10.40 -12.96 -11.09
CA ALA B 134 -10.79 -12.01 -10.04
C ALA B 134 -11.11 -10.61 -10.56
N LEU B 135 -10.75 -10.33 -11.81
CA LEU B 135 -10.90 -8.98 -12.39
C LEU B 135 -12.37 -8.55 -12.50
N PRO B 136 -12.64 -7.24 -12.45
CA PRO B 136 -14.00 -6.70 -12.60
C PRO B 136 -14.74 -7.28 -13.81
N ARG B 137 -14.01 -7.53 -14.90
CA ARG B 137 -14.60 -8.02 -16.13
C ARG B 137 -13.52 -8.68 -16.99
N PRO B 138 -13.89 -9.61 -17.88
CA PRO B 138 -15.26 -10.01 -18.22
C PRO B 138 -15.79 -11.25 -17.52
N PHE B 139 -15.02 -11.86 -16.61
CA PHE B 139 -15.42 -13.18 -16.08
C PHE B 139 -16.25 -13.14 -14.82
N ARG B 140 -17.31 -12.32 -14.84
CA ARG B 140 -18.27 -12.30 -13.73
C ARG B 140 -19.68 -12.64 -14.26
N PHE B 141 -20.63 -12.82 -13.34
CA PHE B 141 -21.83 -13.62 -13.65
C PHE B 141 -23.17 -12.91 -13.60
N ILE B 142 -23.83 -12.88 -14.76
CA ILE B 142 -25.18 -12.37 -14.87
C ILE B 142 -26.13 -13.56 -14.93
N ALA B 143 -27.33 -13.41 -14.37
CA ALA B 143 -28.37 -14.45 -14.46
C ALA B 143 -28.63 -14.77 -15.93
N PRO B 144 -28.49 -16.06 -16.31
CA PRO B 144 -28.65 -16.41 -17.74
C PRO B 144 -30.03 -16.07 -18.32
N SER B 145 -31.04 -15.95 -17.46
CA SER B 145 -32.38 -15.47 -17.87
C SER B 145 -32.32 -14.10 -18.52
N GLN B 146 -31.21 -13.38 -18.30
CA GLN B 146 -31.07 -12.02 -18.82
C GLN B 146 -30.19 -11.92 -20.07
N PHE B 147 -29.70 -13.05 -20.56
CA PHE B 147 -29.06 -13.14 -21.88
C PHE B 147 -30.10 -12.73 -22.91
N LYS B 148 -29.62 -12.29 -24.08
CA LYS B 148 -30.49 -12.12 -25.24
C LYS B 148 -30.09 -13.16 -26.27
N ASN B 149 -31.02 -14.03 -26.65
CA ASN B 149 -30.74 -15.09 -27.62
C ASN B 149 -29.54 -15.95 -27.24
N HIS B 150 -29.45 -16.29 -25.95
CA HIS B 150 -28.37 -17.09 -25.38
C HIS B 150 -27.00 -16.40 -25.43
N GLU B 151 -26.99 -15.08 -25.60
CA GLU B 151 -25.74 -14.32 -25.66
C GLU B 151 -25.78 -13.07 -24.76
N THR B 152 -24.61 -12.49 -24.53
CA THR B 152 -24.53 -11.18 -23.89
C THR B 152 -23.81 -10.18 -24.80
N MET B 153 -23.11 -10.68 -25.82
CA MET B 153 -22.25 -9.81 -26.66
C MET B 153 -23.01 -8.73 -27.46
N ASN B 154 -24.30 -8.96 -27.67
CA ASN B 154 -25.16 -8.01 -28.37
C ASN B 154 -26.10 -7.25 -27.45
N GLY B 155 -25.90 -7.41 -26.14
CA GLY B 155 -26.77 -6.78 -25.15
C GLY B 155 -27.33 -7.77 -24.14
N ILE B 156 -27.92 -7.21 -23.08
CA ILE B 156 -28.57 -7.98 -22.05
C ILE B 156 -29.94 -7.37 -21.79
N LYS B 157 -30.74 -8.06 -20.97
CA LYS B 157 -32.01 -7.52 -20.53
C LYS B 157 -31.80 -6.67 -19.27
N ALA B 158 -31.99 -7.25 -18.09
CA ALA B 158 -31.71 -6.51 -16.83
C ALA B 158 -30.35 -6.92 -16.28
N PRO B 159 -29.62 -5.99 -15.63
CA PRO B 159 -28.28 -6.30 -15.10
C PRO B 159 -28.34 -7.04 -13.76
N ILE B 160 -28.74 -8.31 -13.82
CA ILE B 160 -28.99 -9.09 -12.62
C ILE B 160 -27.75 -9.90 -12.25
N GLY B 161 -27.10 -9.47 -11.17
CA GLY B 161 -25.94 -10.17 -10.64
C GLY B 161 -26.20 -10.78 -9.26
N THR B 162 -25.13 -11.27 -8.65
CA THR B 162 -25.17 -11.88 -7.31
C THR B 162 -24.70 -10.91 -6.23
N GLY B 163 -24.20 -9.74 -6.65
CA GLY B 163 -23.50 -8.81 -5.76
C GLY B 163 -24.36 -8.07 -4.75
N PRO B 164 -23.73 -7.30 -3.85
CA PRO B 164 -24.45 -6.64 -2.75
C PRO B 164 -25.26 -5.41 -3.18
N TRP B 165 -25.11 -5.02 -4.44
CA TRP B 165 -25.82 -3.85 -4.96
C TRP B 165 -26.66 -4.20 -6.18
N ILE B 166 -27.82 -3.55 -6.27
CA ILE B 166 -28.76 -3.72 -7.39
C ILE B 166 -28.99 -2.37 -8.06
N LEU B 167 -28.83 -2.29 -9.38
CA LEU B 167 -29.13 -1.03 -10.09
C LEU B 167 -30.65 -0.85 -10.14
N GLN B 168 -31.14 0.21 -9.52
CA GLN B 168 -32.59 0.44 -9.41
C GLN B 168 -33.11 1.43 -10.44
N GLU B 169 -32.34 2.48 -10.69
CA GLU B 169 -32.76 3.55 -11.59
C GLU B 169 -31.55 4.13 -12.31
N SER B 170 -31.76 4.51 -13.57
CA SER B 170 -30.74 5.14 -14.39
C SER B 170 -31.40 6.21 -15.26
N LYS B 171 -30.98 7.45 -15.07
CA LYS B 171 -31.48 8.58 -15.85
C LYS B 171 -30.31 9.21 -16.61
N LEU B 172 -30.37 9.15 -17.93
CA LEU B 172 -29.24 9.60 -18.76
C LEU B 172 -28.81 11.05 -18.47
N ASN B 173 -27.49 11.24 -18.30
CA ASN B 173 -26.90 12.55 -17.96
C ASN B 173 -27.38 13.12 -16.64
N GLN B 174 -28.03 12.31 -15.81
CA GLN B 174 -28.56 12.85 -14.57
C GLN B 174 -28.06 12.08 -13.35
N TYR B 175 -28.42 10.81 -13.26
CA TYR B 175 -28.08 10.00 -12.08
C TYR B 175 -28.25 8.51 -12.31
N ASP B 176 -27.65 7.73 -11.41
CA ASP B 176 -27.91 6.30 -11.30
C ASP B 176 -28.15 6.03 -9.81
N VAL B 177 -29.13 5.18 -9.51
CA VAL B 177 -29.40 4.78 -8.12
C VAL B 177 -29.24 3.28 -7.96
N PHE B 178 -28.52 2.90 -6.91
CA PHE B 178 -28.35 1.51 -6.50
C PHE B 178 -28.96 1.35 -5.13
N VAL B 179 -29.52 0.18 -4.90
CA VAL B 179 -29.97 -0.19 -3.57
C VAL B 179 -29.26 -1.46 -3.09
N ARG B 180 -29.20 -1.62 -1.78
CA ARG B 180 -28.66 -2.83 -1.20
C ARG B 180 -29.45 -4.06 -1.65
N ASN B 181 -28.74 -5.13 -1.97
CA ASN B 181 -29.37 -6.42 -2.25
C ASN B 181 -29.70 -7.13 -0.92
N GLU B 182 -30.99 -7.18 -0.58
CA GLU B 182 -31.42 -7.68 0.74
C GLU B 182 -31.26 -9.18 0.88
N ASN B 183 -31.00 -9.84 -0.24
CA ASN B 183 -30.79 -11.28 -0.27
C ASN B 183 -29.39 -11.63 -0.74
N TYR B 184 -28.45 -10.73 -0.47
CA TYR B 184 -27.04 -10.99 -0.72
C TYR B 184 -26.57 -12.20 0.11
N TRP B 185 -25.75 -13.06 -0.49
CA TRP B 185 -25.28 -14.27 0.16
C TRP B 185 -24.30 -14.00 1.30
N GLY B 186 -23.65 -12.83 1.26
CA GLY B 186 -22.63 -12.49 2.26
C GLY B 186 -23.11 -11.44 3.23
N GLU B 187 -22.16 -10.73 3.83
CA GLU B 187 -22.46 -9.65 4.76
C GLU B 187 -23.31 -8.56 4.14
N LYS B 188 -24.29 -8.10 4.90
CA LYS B 188 -25.16 -7.00 4.52
C LYS B 188 -24.40 -5.68 4.57
N PRO B 189 -24.38 -4.90 3.46
CA PRO B 189 -23.83 -3.55 3.59
C PRO B 189 -24.61 -2.72 4.59
N ALA B 190 -23.93 -1.80 5.28
CA ALA B 190 -24.62 -0.86 6.17
C ALA B 190 -25.45 0.18 5.40
N ILE B 191 -24.96 0.58 4.22
CA ILE B 191 -25.67 1.55 3.37
C ILE B 191 -26.79 0.85 2.58
N LYS B 192 -27.98 1.45 2.58
CA LYS B 192 -29.15 0.90 1.87
C LYS B 192 -29.33 1.42 0.44
N LYS B 193 -28.88 2.65 0.20
CA LYS B 193 -29.07 3.28 -1.10
C LYS B 193 -27.86 4.13 -1.45
N ILE B 194 -27.38 4.02 -2.69
CA ILE B 194 -26.33 4.90 -3.18
C ILE B 194 -26.81 5.55 -4.46
N THR B 195 -26.82 6.88 -4.46
CA THR B 195 -27.15 7.66 -5.65
C THR B 195 -25.89 8.29 -6.27
N PHE B 196 -25.71 8.09 -7.58
CA PHE B 196 -24.59 8.68 -8.31
C PHE B 196 -25.08 9.81 -9.18
N ASN B 197 -24.73 11.04 -8.80
CA ASN B 197 -25.01 12.17 -9.64
C ASN B 197 -24.00 12.28 -10.76
N VAL B 198 -24.48 12.45 -11.99
CA VAL B 198 -23.60 12.60 -13.16
C VAL B 198 -23.04 14.03 -13.21
N ILE B 199 -21.76 14.16 -12.88
CA ILE B 199 -21.10 15.46 -12.80
C ILE B 199 -19.74 15.38 -13.53
N PRO B 200 -19.71 15.74 -14.83
CA PRO B 200 -18.46 15.55 -15.59
C PRO B 200 -17.26 16.45 -15.23
N ASP B 201 -17.51 17.65 -14.72
CA ASP B 201 -16.49 18.66 -14.47
C ASP B 201 -15.91 18.47 -13.06
N PRO B 202 -14.55 18.36 -12.90
CA PRO B 202 -13.96 18.20 -11.55
C PRO B 202 -14.22 19.39 -10.62
N THR B 203 -14.25 20.61 -11.16
CA THR B 203 -14.56 21.75 -10.32
C THR B 203 -15.99 21.67 -9.80
N THR B 204 -16.90 21.18 -10.64
CA THR B 204 -18.32 21.08 -10.23
C THR B 204 -18.47 19.94 -9.21
N ARG B 205 -17.67 18.88 -9.36
CA ARG B 205 -17.68 17.83 -8.34
C ARG B 205 -17.25 18.41 -6.99
N ALA B 206 -16.24 19.29 -6.98
CA ALA B 206 -15.79 19.90 -5.72
C ALA B 206 -16.90 20.76 -5.11
N VAL B 207 -17.61 21.50 -5.96
CA VAL B 207 -18.70 22.35 -5.46
C VAL B 207 -19.85 21.49 -4.89
N ALA B 208 -20.23 20.43 -5.61
CA ALA B 208 -21.29 19.51 -5.16
C ALA B 208 -20.92 18.94 -3.80
N PHE B 209 -19.63 18.67 -3.59
CA PHE B 209 -19.23 18.22 -2.26
C PHE B 209 -19.31 19.34 -1.21
N GLU B 210 -18.74 20.51 -1.51
CA GLU B 210 -18.62 21.57 -0.50
C GLU B 210 -20.01 22.12 -0.07
N THR B 211 -21.00 22.04 -0.95
CA THR B 211 -22.39 22.43 -0.61
C THR B 211 -23.12 21.36 0.18
N GLY B 212 -22.52 20.16 0.24
CA GLY B 212 -23.19 18.99 0.82
C GLY B 212 -24.24 18.30 -0.06
N ASP B 213 -24.32 18.66 -1.35
CA ASP B 213 -25.20 17.96 -2.26
C ASP B 213 -24.81 16.50 -2.41
N ILE B 214 -23.51 16.24 -2.36
CA ILE B 214 -23.02 14.87 -2.33
C ILE B 214 -22.20 14.62 -1.06
N ASP B 215 -21.99 13.35 -0.73
CA ASP B 215 -21.44 12.97 0.57
C ASP B 215 -20.01 12.49 0.46
N LEU B 216 -19.62 12.08 -0.74
CA LEU B 216 -18.40 11.30 -0.93
C LEU B 216 -17.88 11.49 -2.35
N LEU B 217 -16.56 11.60 -2.49
CA LEU B 217 -15.90 11.49 -3.79
C LEU B 217 -14.75 10.51 -3.61
N TYR B 218 -14.57 9.60 -4.56
CA TYR B 218 -13.52 8.55 -4.47
C TYR B 218 -12.98 8.28 -5.88
N GLY B 219 -11.68 8.49 -6.11
CA GLY B 219 -11.14 8.28 -7.44
C GLY B 219 -9.68 8.67 -7.54
N ASN B 220 -9.18 8.80 -8.76
CA ASN B 220 -7.75 9.06 -8.93
C ASN B 220 -7.42 10.56 -8.94
N GLU B 221 -6.26 10.93 -9.50
CA GLU B 221 -5.77 12.29 -9.43
C GLU B 221 -6.65 13.32 -10.17
N GLY B 222 -7.56 12.83 -11.01
CA GLY B 222 -8.51 13.68 -11.74
C GLY B 222 -9.88 13.84 -11.07
N LEU B 223 -10.00 13.32 -9.85
CA LEU B 223 -11.29 13.35 -9.13
C LEU B 223 -11.82 14.78 -8.90
N LEU B 224 -10.96 15.66 -8.44
CA LEU B 224 -11.29 17.06 -8.23
C LEU B 224 -10.02 17.90 -8.35
N PRO B 225 -10.15 19.22 -8.45
CA PRO B 225 -8.88 20.00 -8.59
C PRO B 225 -7.94 19.81 -7.38
N LEU B 226 -6.65 19.66 -7.64
CA LEU B 226 -5.75 19.29 -6.56
C LEU B 226 -5.48 20.43 -5.56
N ASP B 227 -5.55 21.68 -5.99
CA ASP B 227 -5.44 22.78 -5.03
C ASP B 227 -6.66 22.81 -4.11
N THR B 228 -7.84 22.56 -4.68
CA THR B 228 -9.07 22.46 -3.87
C THR B 228 -8.99 21.33 -2.86
N PHE B 229 -8.51 20.19 -3.32
CA PHE B 229 -8.28 19.06 -2.43
C PHE B 229 -7.39 19.42 -1.26
N ALA B 230 -6.28 20.11 -1.54
CA ALA B 230 -5.38 20.60 -0.48
C ALA B 230 -6.10 21.51 0.51
N ARG B 231 -6.91 22.45 0.00
CA ARG B 231 -7.69 23.32 0.89
C ARG B 231 -8.66 22.48 1.74
N PHE B 232 -9.35 21.53 1.10
CA PHE B 232 -10.25 20.62 1.84
C PHE B 232 -9.55 19.88 2.97
N SER B 233 -8.31 19.46 2.73
CA SER B 233 -7.54 18.69 3.71
C SER B 233 -7.21 19.51 4.95
N GLN B 234 -7.24 20.84 4.83
CA GLN B 234 -6.93 21.74 5.94
C GLN B 234 -8.18 22.19 6.71
N ASN B 235 -9.34 21.73 6.28
CA ASN B 235 -10.60 22.21 6.84
C ASN B 235 -11.28 21.09 7.65
N PRO B 236 -11.45 21.28 8.99
CA PRO B 236 -12.10 20.23 9.80
C PRO B 236 -13.56 19.90 9.45
N ALA B 237 -14.22 20.76 8.68
CA ALA B 237 -15.58 20.53 8.19
C ALA B 237 -15.67 19.33 7.26
N TYR B 238 -14.52 18.96 6.68
CA TYR B 238 -14.43 17.93 5.65
C TYR B 238 -13.46 16.86 6.12
N HIS B 239 -13.50 15.71 5.43
CA HIS B 239 -12.49 14.67 5.63
C HIS B 239 -11.84 14.40 4.26
N THR B 240 -10.51 14.25 4.25
CA THR B 240 -9.82 13.85 3.01
C THR B 240 -8.85 12.70 3.26
N GLN B 241 -8.56 11.96 2.19
CA GLN B 241 -7.58 10.86 2.25
C GLN B 241 -6.81 10.82 0.95
N LEU B 242 -5.55 10.39 1.05
CA LEU B 242 -4.72 10.18 -0.13
C LEU B 242 -4.00 8.86 0.10
N SER B 243 -4.21 7.90 -0.80
CA SER B 243 -3.61 6.57 -0.66
C SER B 243 -2.12 6.58 -0.97
N GLN B 244 -1.47 5.44 -0.72
CA GLN B 244 -0.16 5.23 -1.30
C GLN B 244 -0.35 5.07 -2.81
N PRO B 245 0.71 5.34 -3.59
CA PRO B 245 0.51 5.29 -5.03
C PRO B 245 -0.01 3.96 -5.56
N ILE B 246 -0.79 4.05 -6.63
CA ILE B 246 -1.43 2.86 -7.20
C ILE B 246 -1.00 2.53 -8.61
N GLU B 247 -0.54 3.52 -9.36
CA GLU B 247 -0.18 3.27 -10.78
C GLU B 247 0.61 4.44 -11.33
N THR B 248 1.16 4.27 -12.53
CA THR B 248 2.01 5.27 -13.11
C THR B 248 1.26 6.07 -14.16
N VAL B 249 1.53 7.38 -14.21
CA VAL B 249 1.11 8.25 -15.31
C VAL B 249 2.36 8.66 -16.05
N MET B 250 2.29 8.62 -17.39
CA MET B 250 3.48 8.82 -18.22
C MET B 250 3.08 9.39 -19.58
N LEU B 251 4.07 9.74 -20.39
CA LEU B 251 3.84 9.85 -21.82
C LEU B 251 4.28 8.56 -22.47
N ALA B 252 3.56 8.17 -23.52
CA ALA B 252 4.04 7.12 -24.43
C ALA B 252 4.55 7.82 -25.67
N LEU B 253 5.78 7.47 -26.07
CA LEU B 253 6.45 8.08 -27.22
C LEU B 253 6.37 7.14 -28.42
N ASN B 254 6.02 7.69 -29.57
CA ASN B 254 5.83 6.83 -30.74
C ASN B 254 7.14 6.51 -31.46
N THR B 255 7.64 5.29 -31.23
CA THR B 255 8.93 4.89 -31.76
C THR B 255 8.90 4.68 -33.28
N ALA B 256 7.70 4.69 -33.86
CA ALA B 256 7.56 4.47 -35.32
C ALA B 256 7.27 5.72 -36.11
N LYS B 257 7.28 6.88 -35.47
CA LYS B 257 6.97 8.13 -36.15
C LYS B 257 8.05 9.17 -35.87
N ALA B 258 8.55 9.81 -36.91
CA ALA B 258 9.55 10.88 -36.76
C ALA B 258 8.99 12.05 -35.94
N PRO B 259 9.80 12.67 -35.06
CA PRO B 259 11.21 12.43 -34.69
C PRO B 259 11.37 11.50 -33.48
N THR B 260 10.27 11.07 -32.88
CA THR B 260 10.35 10.16 -31.74
C THR B 260 10.77 8.74 -32.14
N ASN B 261 10.95 8.50 -33.45
CA ASN B 261 11.53 7.22 -33.88
C ASN B 261 13.02 7.10 -33.51
N GLU B 262 13.64 8.25 -33.19
CA GLU B 262 15.04 8.31 -32.84
C GLU B 262 15.24 8.12 -31.34
N LEU B 263 16.00 7.10 -30.98
CA LEU B 263 16.35 6.84 -29.57
C LEU B 263 16.92 8.06 -28.85
N ALA B 264 17.83 8.78 -29.52
CA ALA B 264 18.46 9.93 -28.87
C ALA B 264 17.43 11.02 -28.56
N VAL B 265 16.44 11.17 -29.43
CA VAL B 265 15.36 12.12 -29.19
C VAL B 265 14.55 11.68 -27.97
N ARG B 266 14.19 10.41 -27.92
CA ARG B 266 13.41 9.88 -26.78
C ARG B 266 14.16 10.02 -25.44
N GLU B 267 15.46 9.73 -25.45
CA GLU B 267 16.31 9.94 -24.28
C GLU B 267 16.38 11.42 -23.84
N ALA B 268 16.55 12.30 -24.82
CA ALA B 268 16.58 13.75 -24.56
C ALA B 268 15.29 14.20 -23.90
N LEU B 269 14.17 13.77 -24.45
CA LEU B 269 12.87 14.12 -23.86
C LEU B 269 12.79 13.66 -22.41
N ASN B 270 13.30 12.46 -22.11
CA ASN B 270 13.28 11.93 -20.75
C ASN B 270 14.18 12.71 -19.77
N TYR B 271 15.15 13.46 -20.29
CA TYR B 271 16.00 14.33 -19.45
C TYR B 271 15.46 15.75 -19.33
N ALA B 272 14.47 16.05 -20.19
CA ALA B 272 14.00 17.43 -20.40
C ALA B 272 12.97 17.96 -19.41
N VAL B 273 12.20 17.06 -18.81
CA VAL B 273 11.10 17.43 -17.93
C VAL B 273 11.54 17.54 -16.46
N ASN B 274 11.28 18.69 -15.85
CA ASN B 274 11.42 18.84 -14.42
C ASN B 274 10.17 18.26 -13.78
N LYS B 275 10.21 16.98 -13.47
CA LYS B 275 9.04 16.25 -12.96
C LYS B 275 8.63 16.78 -11.60
N LYS B 276 9.61 17.08 -10.76
CA LYS B 276 9.33 17.62 -9.44
C LYS B 276 8.50 18.91 -9.56
N SER B 277 8.96 19.85 -10.39
CA SER B 277 8.22 21.10 -10.63
C SER B 277 6.85 20.87 -11.29
N LEU B 278 6.80 19.89 -12.19
CA LEU B 278 5.56 19.54 -12.86
C LEU B 278 4.54 19.13 -11.81
N ILE B 279 4.97 18.28 -10.89
CA ILE B 279 4.07 17.82 -9.84
C ILE B 279 3.65 18.96 -8.90
N ASP B 280 4.58 19.86 -8.57
CA ASP B 280 4.25 21.02 -7.73
C ASP B 280 3.26 21.97 -8.37
N ASN B 281 3.37 22.14 -9.68
CA ASN B 281 2.52 23.10 -10.39
C ASN B 281 1.19 22.48 -10.81
N ALA B 282 1.25 21.38 -11.55
CA ALA B 282 0.07 20.76 -12.13
C ALA B 282 -0.72 19.92 -11.12
N LEU B 283 -0.01 19.33 -10.16
CA LEU B 283 -0.61 18.38 -9.22
C LEU B 283 -0.55 18.87 -7.76
N TYR B 284 -0.25 20.16 -7.60
CA TYR B 284 -0.20 20.83 -6.32
C TYR B 284 0.64 20.05 -5.31
N GLY B 285 1.67 19.38 -5.83
CA GLY B 285 2.59 18.61 -5.01
C GLY B 285 2.03 17.38 -4.33
N THR B 286 0.91 16.87 -4.83
CA THR B 286 0.19 15.80 -4.14
C THR B 286 0.65 14.40 -4.49
N GLN B 287 1.36 14.25 -5.61
CA GLN B 287 1.68 12.93 -6.14
C GLN B 287 3.20 12.71 -6.10
N GLN B 288 3.68 11.54 -6.50
CA GLN B 288 5.13 11.27 -6.43
C GLN B 288 5.79 11.24 -7.81
N VAL B 289 7.07 11.59 -7.85
CA VAL B 289 7.84 11.55 -9.12
C VAL B 289 8.09 10.10 -9.55
N ALA B 290 7.88 9.81 -10.84
CA ALA B 290 8.14 8.47 -11.40
C ALA B 290 9.39 8.46 -12.27
N ASP B 291 10.25 7.46 -12.06
CA ASP B 291 11.47 7.28 -12.84
C ASP B 291 11.35 6.13 -13.84
N THR B 292 10.46 5.17 -13.55
CA THR B 292 10.36 3.96 -14.33
C THR B 292 8.90 3.65 -14.64
N LEU B 293 8.68 2.88 -15.71
CA LEU B 293 7.32 2.47 -16.08
C LEU B 293 6.52 1.95 -14.88
N PHE B 294 7.12 1.04 -14.13
CA PHE B 294 6.48 0.57 -12.90
C PHE B 294 7.32 1.03 -11.72
N ALA B 295 6.65 1.49 -10.66
CA ALA B 295 7.34 1.79 -9.42
C ALA B 295 8.09 0.56 -8.89
N PRO B 296 9.17 0.78 -8.15
CA PRO B 296 9.96 -0.35 -7.59
C PRO B 296 9.16 -1.30 -6.71
N SER B 297 8.07 -0.80 -6.11
CA SER B 297 7.20 -1.62 -5.26
C SER B 297 6.25 -2.58 -6.02
N VAL B 298 6.16 -2.43 -7.34
CA VAL B 298 5.37 -3.32 -8.16
C VAL B 298 6.03 -4.70 -8.26
N PRO B 299 5.24 -5.78 -8.21
CA PRO B 299 5.83 -7.12 -8.33
C PRO B 299 6.74 -7.26 -9.53
N TYR B 300 7.89 -7.90 -9.33
CA TYR B 300 8.85 -8.19 -10.40
C TYR B 300 9.58 -6.98 -10.94
N ALA B 301 9.35 -5.78 -10.37
CA ALA B 301 9.83 -4.53 -10.96
C ALA B 301 10.95 -3.84 -10.20
N ASN B 302 11.44 -4.46 -9.13
CA ASN B 302 12.52 -3.80 -8.39
C ASN B 302 13.84 -4.24 -9.02
N LEU B 303 14.28 -3.47 -10.03
CA LEU B 303 15.34 -3.94 -10.93
C LEU B 303 16.57 -3.07 -10.89
N GLY B 304 16.51 -1.99 -10.12
CA GLY B 304 17.62 -1.03 -10.05
C GLY B 304 17.89 -0.34 -11.37
N LEU B 305 16.83 -0.12 -12.16
CA LEU B 305 16.94 0.64 -13.41
C LEU B 305 17.39 2.05 -13.13
N LYS B 306 18.24 2.59 -14.00
CA LYS B 306 18.81 3.90 -13.76
C LYS B 306 17.84 5.02 -14.14
N PRO B 307 17.53 5.91 -13.18
CA PRO B 307 16.60 6.99 -13.53
C PRO B 307 17.23 8.00 -14.50
N SER B 308 16.42 8.61 -15.35
CA SER B 308 16.82 9.77 -16.15
C SER B 308 16.33 11.03 -15.47
N GLN B 309 17.20 11.69 -14.72
CA GLN B 309 16.84 12.86 -13.93
C GLN B 309 16.73 14.12 -14.79
N TYR B 310 16.18 15.18 -14.22
CA TYR B 310 16.07 16.45 -14.94
C TYR B 310 17.46 17.03 -15.24
N ASP B 311 17.80 17.06 -16.53
CA ASP B 311 19.12 17.50 -16.98
C ASP B 311 19.06 18.05 -18.41
N PRO B 312 18.65 19.32 -18.57
CA PRO B 312 18.55 19.87 -19.92
C PRO B 312 19.90 19.90 -20.64
N GLN B 313 21.00 19.93 -19.90
CA GLN B 313 22.34 19.88 -20.48
C GLN B 313 22.63 18.52 -21.15
N LYS B 314 22.35 17.43 -20.43
CA LYS B 314 22.40 16.09 -21.02
C LYS B 314 21.47 16.00 -22.24
N ALA B 315 20.23 16.50 -22.08
CA ALA B 315 19.26 16.47 -23.16
C ALA B 315 19.78 17.18 -24.42
N LYS B 316 20.25 18.40 -24.26
CA LYS B 316 20.85 19.18 -25.34
C LYS B 316 22.04 18.45 -25.96
N ALA B 317 22.90 17.88 -25.11
CA ALA B 317 24.08 17.14 -25.57
C ALA B 317 23.73 15.89 -26.40
N LEU B 318 22.69 15.17 -26.00
CA LEU B 318 22.20 14.03 -26.77
C LEU B 318 21.68 14.43 -28.13
N LEU B 319 20.95 15.53 -28.18
CA LEU B 319 20.33 16.00 -29.41
C LEU B 319 21.37 16.48 -30.42
N GLU B 320 22.40 17.17 -29.92
CA GLU B 320 23.52 17.60 -30.77
C GLU B 320 24.23 16.38 -31.39
N LYS B 321 24.58 15.40 -30.55
CA LYS B 321 25.23 14.17 -31.03
C LYS B 321 24.42 13.52 -32.14
N ALA B 322 23.08 13.60 -32.01
CA ALA B 322 22.14 13.00 -32.96
C ALA B 322 21.88 13.85 -34.20
N GLY B 323 22.49 15.03 -34.27
CA GLY B 323 22.36 15.89 -35.45
C GLY B 323 21.24 16.92 -35.41
N TRP B 324 20.63 17.07 -34.23
CA TRP B 324 19.62 18.10 -34.01
C TRP B 324 20.30 19.35 -33.46
N THR B 325 20.60 20.28 -34.35
CA THR B 325 21.38 21.48 -34.02
C THR B 325 20.53 22.74 -34.16
N LEU B 326 20.92 23.79 -33.42
CA LEU B 326 20.28 25.11 -33.51
C LEU B 326 20.91 25.94 -34.63
N PRO B 327 20.12 26.32 -35.65
CA PRO B 327 20.66 27.17 -36.71
C PRO B 327 20.40 28.66 -36.47
N ALA B 328 20.98 29.49 -37.33
CA ALA B 328 20.76 30.95 -37.42
C ALA B 328 19.96 31.62 -36.29
N GLY B 329 20.55 31.70 -35.10
CA GLY B 329 19.97 32.39 -33.94
C GLY B 329 18.57 31.94 -33.53
N LYS B 330 18.20 30.72 -33.93
CA LYS B 330 16.86 30.16 -33.67
C LYS B 330 16.85 29.26 -32.43
N ASP B 331 15.65 29.04 -31.88
CA ASP B 331 15.50 28.28 -30.65
C ASP B 331 14.87 26.89 -30.79
N ILE B 332 14.41 26.55 -32.01
CA ILE B 332 13.97 25.18 -32.29
C ILE B 332 14.95 24.47 -33.23
N ARG B 333 15.46 23.33 -32.78
CA ARG B 333 16.47 22.56 -33.52
C ARG B 333 15.94 22.04 -34.86
N GLU B 334 16.87 21.79 -35.78
CA GLU B 334 16.55 21.27 -37.10
C GLU B 334 17.57 20.20 -37.51
N LYS B 335 17.12 19.26 -38.32
CA LYS B 335 17.96 18.18 -38.84
C LYS B 335 17.47 17.79 -40.24
N ASN B 336 18.33 18.00 -41.24
CA ASN B 336 18.05 17.61 -42.63
C ASN B 336 16.74 18.17 -43.19
N GLY B 337 16.44 19.42 -42.86
CA GLY B 337 15.24 20.07 -43.36
C GLY B 337 14.07 20.21 -42.38
N GLN B 338 13.88 19.21 -41.50
CA GLN B 338 12.74 19.19 -40.56
C GLN B 338 13.09 19.81 -39.20
N PRO B 339 12.19 20.69 -38.69
CA PRO B 339 12.28 21.18 -37.31
C PRO B 339 11.98 20.07 -36.32
N LEU B 340 12.56 20.16 -35.12
CA LEU B 340 12.28 19.17 -34.08
C LEU B 340 10.91 19.50 -33.49
N ARG B 341 9.87 19.04 -34.19
CA ARG B 341 8.48 19.24 -33.80
C ARG B 341 7.82 17.91 -33.45
N ILE B 342 7.21 17.86 -32.27
CA ILE B 342 6.61 16.63 -31.75
C ILE B 342 5.16 16.90 -31.32
N GLU B 343 4.22 16.12 -31.86
CA GLU B 343 2.79 16.32 -31.50
C GLU B 343 2.44 15.62 -30.21
N LEU B 344 1.91 16.39 -29.25
CA LEU B 344 1.35 15.81 -28.02
C LEU B 344 -0.16 15.94 -28.12
N SER B 345 -0.83 14.81 -28.36
CA SER B 345 -2.28 14.84 -28.49
C SER B 345 -2.91 14.38 -27.18
N PHE B 346 -3.95 15.09 -26.77
CA PHE B 346 -4.59 14.86 -25.48
C PHE B 346 -6.04 15.31 -25.55
N ILE B 347 -6.82 14.94 -24.52
CA ILE B 347 -8.21 15.35 -24.42
C ILE B 347 -8.26 16.82 -24.00
N GLY B 348 -8.72 17.68 -24.92
CA GLY B 348 -8.58 19.13 -24.80
C GLY B 348 -9.29 19.76 -23.61
N THR B 349 -10.39 19.13 -23.19
CA THR B 349 -11.22 19.57 -22.08
C THR B 349 -10.83 18.91 -20.75
N ASP B 350 -9.82 18.05 -20.81
CA ASP B 350 -9.22 17.50 -19.58
C ASP B 350 -8.24 18.54 -19.05
N ALA B 351 -8.65 19.26 -18.00
CA ALA B 351 -7.87 20.36 -17.46
C ALA B 351 -6.48 19.92 -16.98
N LEU B 352 -6.40 18.72 -16.44
CA LEU B 352 -5.14 18.20 -15.91
C LEU B 352 -4.17 17.81 -17.03
N SER B 353 -4.68 17.18 -18.08
CA SER B 353 -3.86 16.89 -19.26
C SER B 353 -3.35 18.20 -19.86
N LYS B 354 -4.24 19.19 -19.96
CA LYS B 354 -3.84 20.47 -20.55
C LYS B 354 -2.73 21.15 -19.74
N SER B 355 -2.87 21.19 -18.41
CA SER B 355 -1.86 21.85 -17.57
C SER B 355 -0.52 21.12 -17.66
N MET B 356 -0.55 19.79 -17.59
CA MET B 356 0.70 19.03 -17.77
C MET B 356 1.28 19.22 -19.16
N ALA B 357 0.42 19.25 -20.18
CA ALA B 357 0.91 19.42 -21.55
C ALA B 357 1.62 20.76 -21.73
N GLU B 358 1.07 21.80 -21.11
CA GLU B 358 1.67 23.13 -21.18
C GLU B 358 3.04 23.17 -20.54
N ILE B 359 3.19 22.49 -19.40
CA ILE B 359 4.45 22.45 -18.70
C ILE B 359 5.45 21.65 -19.52
N ILE B 360 5.03 20.51 -20.04
CA ILE B 360 5.88 19.67 -20.91
C ILE B 360 6.37 20.46 -22.12
N GLN B 361 5.48 21.20 -22.77
CA GLN B 361 5.86 22.04 -23.91
C GLN B 361 6.94 23.05 -23.50
N ALA B 362 6.76 23.70 -22.35
CA ALA B 362 7.70 24.73 -21.89
C ALA B 362 9.05 24.11 -21.60
N ASP B 363 9.07 23.00 -20.87
CA ASP B 363 10.31 22.30 -20.54
C ASP B 363 11.06 21.86 -21.80
N MET B 364 10.33 21.26 -22.74
CA MET B 364 10.95 20.75 -23.95
C MET B 364 11.40 21.87 -24.89
N ARG B 365 10.75 23.03 -24.78
CA ARG B 365 11.16 24.22 -25.53
C ARG B 365 12.58 24.63 -25.11
N GLN B 366 12.91 24.43 -23.82
CA GLN B 366 14.22 24.85 -23.28
C GLN B 366 15.39 24.04 -23.86
N ILE B 367 15.09 22.91 -24.51
CA ILE B 367 16.13 22.09 -25.15
C ILE B 367 15.99 22.11 -26.68
N GLY B 368 15.15 23.00 -27.19
CA GLY B 368 15.01 23.17 -28.64
C GLY B 368 14.03 22.26 -29.34
N ALA B 369 13.13 21.61 -28.59
CA ALA B 369 12.05 20.82 -29.20
C ALA B 369 10.73 21.58 -29.14
N ASP B 370 10.03 21.60 -30.26
CA ASP B 370 8.74 22.27 -30.38
C ASP B 370 7.63 21.24 -30.24
N VAL B 371 6.98 21.23 -29.08
CA VAL B 371 5.87 20.32 -28.83
C VAL B 371 4.59 21.02 -29.27
N SER B 372 3.85 20.37 -30.16
CA SER B 372 2.59 20.88 -30.67
C SER B 372 1.50 20.36 -29.75
N LEU B 373 0.76 21.24 -29.09
CA LEU B 373 -0.36 20.81 -28.24
C LEU B 373 -1.58 20.57 -29.10
N ILE B 374 -1.92 19.29 -29.30
CA ILE B 374 -3.08 18.94 -30.10
C ILE B 374 -4.21 18.48 -29.17
N GLY B 375 -5.05 19.42 -28.78
CA GLY B 375 -6.21 19.12 -27.93
C GLY B 375 -7.38 18.68 -28.79
N GLU B 376 -7.90 17.50 -28.51
CA GLU B 376 -8.99 16.93 -29.31
C GLU B 376 -10.05 16.27 -28.45
N GLU B 377 -11.14 15.88 -29.07
CA GLU B 377 -12.18 15.17 -28.35
C GLU B 377 -11.76 13.72 -28.08
N GLU B 378 -12.33 13.15 -27.02
CA GLU B 378 -11.93 11.82 -26.53
C GLU B 378 -11.98 10.75 -27.64
N SER B 379 -13.02 10.78 -28.46
CA SER B 379 -13.20 9.78 -29.51
C SER B 379 -12.04 9.81 -30.52
N SER B 380 -11.55 11.01 -30.84
CA SER B 380 -10.47 11.11 -31.81
C SER B 380 -9.09 10.80 -31.18
N ILE B 381 -8.95 11.02 -29.88
CA ILE B 381 -7.75 10.58 -29.14
C ILE B 381 -7.70 9.06 -29.09
N TYR B 382 -8.84 8.45 -28.78
CA TYR B 382 -9.01 7.00 -28.80
C TYR B 382 -8.60 6.42 -30.16
N ALA B 383 -9.06 7.08 -31.24
CA ALA B 383 -8.78 6.64 -32.60
C ALA B 383 -7.29 6.78 -32.96
N ARG B 384 -6.69 7.89 -32.54
CA ARG B 384 -5.24 8.09 -32.71
C ARG B 384 -4.46 6.94 -32.08
N GLN B 385 -4.84 6.58 -30.86
CA GLN B 385 -4.16 5.52 -30.11
C GLN B 385 -4.21 4.18 -30.84
N ARG B 386 -5.39 3.84 -31.36
CA ARG B 386 -5.58 2.60 -32.12
C ARG B 386 -4.78 2.56 -33.42
N ASP B 387 -4.75 3.71 -34.11
CA ASP B 387 -4.17 3.82 -35.43
C ASP B 387 -2.67 4.10 -35.41
N GLY B 388 -2.16 4.48 -34.24
CA GLY B 388 -0.77 4.93 -34.11
C GLY B 388 -0.53 6.32 -34.67
N ARG B 389 -1.60 7.10 -34.81
CA ARG B 389 -1.48 8.47 -35.30
C ARG B 389 -1.19 9.45 -34.17
N PHE B 390 -0.02 9.30 -33.56
CA PHE B 390 0.41 10.22 -32.50
C PHE B 390 1.91 10.31 -32.42
N GLY B 391 2.40 11.44 -31.89
CA GLY B 391 3.81 11.57 -31.54
C GLY B 391 3.99 11.18 -30.09
N MET B 392 3.28 11.88 -29.21
CA MET B 392 3.27 11.57 -27.77
C MET B 392 1.84 11.62 -27.28
N ILE B 393 1.50 10.73 -26.35
CA ILE B 393 0.19 10.72 -25.72
C ILE B 393 0.39 10.55 -24.22
N PHE B 394 -0.56 11.05 -23.43
CA PHE B 394 -0.60 10.69 -22.01
C PHE B 394 -1.07 9.25 -21.91
N HIS B 395 -0.61 8.54 -20.89
CA HIS B 395 -0.91 7.14 -20.78
C HIS B 395 -0.75 6.75 -19.32
N ARG B 396 -1.38 5.66 -18.91
CA ARG B 396 -1.24 5.23 -17.54
C ARG B 396 -1.18 3.73 -17.45
N THR B 397 -0.59 3.21 -16.37
CA THR B 397 -0.67 1.78 -16.11
C THR B 397 -1.99 1.55 -15.37
N TRP B 398 -2.20 0.32 -14.94
CA TRP B 398 -3.55 -0.13 -14.61
C TRP B 398 -3.81 -0.44 -13.13
N GLY B 399 -2.77 -0.37 -12.31
CA GLY B 399 -2.88 -0.68 -10.89
C GLY B 399 -2.98 -2.16 -10.62
N ALA B 400 -3.10 -2.54 -9.34
CA ALA B 400 -3.24 -3.96 -8.97
C ALA B 400 -4.64 -4.45 -9.36
N PRO B 401 -4.76 -5.71 -9.78
CA PRO B 401 -3.71 -6.73 -9.97
C PRO B 401 -3.15 -6.75 -11.40
N TYR B 402 -3.50 -5.76 -12.21
CA TYR B 402 -3.09 -5.74 -13.60
C TYR B 402 -1.59 -5.51 -13.77
N ASP B 403 -1.01 -4.74 -12.87
CA ASP B 403 0.41 -4.39 -13.03
C ASP B 403 1.27 -5.40 -12.28
N PRO B 404 2.29 -5.94 -12.95
CA PRO B 404 2.72 -5.69 -14.32
C PRO B 404 2.16 -6.65 -15.39
N HIS B 405 1.66 -7.83 -14.98
CA HIS B 405 1.50 -8.91 -15.98
C HIS B 405 0.44 -8.60 -17.07
N ALA B 406 -0.70 -8.03 -16.68
CA ALA B 406 -1.76 -7.79 -17.67
C ALA B 406 -1.42 -6.59 -18.55
N PHE B 407 -0.81 -5.57 -17.96
CA PHE B 407 -0.36 -4.40 -18.73
C PHE B 407 0.66 -4.84 -19.80
N LEU B 408 1.60 -5.70 -19.40
CA LEU B 408 2.54 -6.27 -20.39
C LEU B 408 1.82 -7.13 -21.41
N SER B 409 0.90 -7.98 -20.96
CA SER B 409 0.22 -8.88 -21.91
C SER B 409 -0.41 -8.11 -23.06
N SER B 410 -1.05 -7.00 -22.72
CA SER B 410 -1.77 -6.19 -23.70
C SER B 410 -0.87 -5.48 -24.70
N MET B 411 0.41 -5.31 -24.36
CA MET B 411 1.34 -4.67 -25.29
C MET B 411 1.45 -5.41 -26.63
N ARG B 412 1.04 -6.66 -26.62
CA ARG B 412 1.15 -7.53 -27.81
C ARG B 412 -0.05 -7.37 -28.73
N VAL B 413 -1.12 -6.75 -28.26
CA VAL B 413 -2.36 -6.64 -29.04
C VAL B 413 -2.33 -5.47 -30.02
N PRO B 414 -2.46 -5.76 -31.33
CA PRO B 414 -2.46 -4.69 -32.31
C PRO B 414 -3.61 -3.72 -32.06
N SER B 415 -3.43 -2.48 -32.52
CA SER B 415 -4.48 -1.46 -32.46
C SER B 415 -4.78 -1.01 -31.05
N HIS B 416 -3.77 -1.15 -30.18
CA HIS B 416 -3.76 -0.62 -28.83
C HIS B 416 -2.54 0.30 -28.70
N ALA B 417 -2.62 1.27 -27.78
CA ALA B 417 -1.63 2.35 -27.70
C ALA B 417 -0.19 1.85 -27.47
N ASP B 418 0.00 0.93 -26.55
CA ASP B 418 1.36 0.45 -26.25
C ASP B 418 1.99 -0.30 -27.41
N PHE B 419 1.18 -1.14 -28.06
CA PHE B 419 1.62 -1.85 -29.25
C PHE B 419 2.07 -0.85 -30.30
N GLN B 420 1.24 0.16 -30.57
CA GLN B 420 1.55 1.15 -31.59
C GLN B 420 2.82 1.93 -31.26
N ALA B 421 2.94 2.38 -30.01
CA ALA B 421 4.09 3.16 -29.57
C ALA B 421 5.39 2.41 -29.73
N GLN B 422 5.32 1.08 -29.63
CA GLN B 422 6.51 0.22 -29.64
C GLN B 422 6.89 -0.33 -31.04
N GLN B 423 6.13 0.03 -32.07
CA GLN B 423 6.29 -0.63 -33.39
C GLN B 423 7.61 -0.34 -34.09
N GLY B 424 8.22 0.77 -33.71
CA GLY B 424 9.51 1.20 -34.24
C GLY B 424 10.72 0.55 -33.61
N LEU B 425 10.50 -0.27 -32.58
CA LEU B 425 11.63 -0.89 -31.88
C LEU B 425 12.15 -2.13 -32.59
N ALA B 426 13.45 -2.18 -32.81
CA ALA B 426 14.06 -3.34 -33.46
C ALA B 426 13.77 -4.63 -32.71
N ASP B 427 13.68 -4.52 -31.38
CA ASP B 427 13.43 -5.69 -30.55
C ASP B 427 11.96 -5.91 -30.11
N LYS B 428 11.01 -5.20 -30.74
CA LYS B 428 9.58 -5.42 -30.47
C LYS B 428 9.17 -6.90 -30.61
N PRO B 429 9.62 -7.56 -31.69
CA PRO B 429 9.29 -8.96 -31.85
C PRO B 429 9.76 -9.82 -30.68
N LEU B 430 11.00 -9.60 -30.23
CA LEU B 430 11.54 -10.30 -29.07
C LEU B 430 10.80 -9.98 -27.78
N ILE B 431 10.48 -8.71 -27.58
CA ILE B 431 9.74 -8.27 -26.38
C ILE B 431 8.40 -8.99 -26.34
N ASP B 432 7.69 -9.03 -27.47
CA ASP B 432 6.39 -9.71 -27.50
C ASP B 432 6.53 -11.23 -27.27
N LYS B 433 7.55 -11.84 -27.85
CA LYS B 433 7.80 -13.26 -27.60
C LYS B 433 8.02 -13.52 -26.10
N GLU B 434 8.83 -12.67 -25.49
CA GLU B 434 9.17 -12.80 -24.07
C GLU B 434 7.97 -12.56 -23.14
N ILE B 435 7.11 -11.62 -23.51
CA ILE B 435 5.85 -11.42 -22.77
C ILE B 435 5.00 -12.69 -22.80
N GLY B 436 4.89 -13.32 -23.97
CA GLY B 436 4.19 -14.61 -24.04
C GLY B 436 4.80 -15.62 -23.09
N GLU B 437 6.14 -15.67 -23.09
CA GLU B 437 6.87 -16.65 -22.29
C GLU B 437 6.70 -16.40 -20.80
N VAL B 438 6.69 -15.14 -20.41
CA VAL B 438 6.58 -14.81 -19.01
C VAL B 438 5.19 -15.23 -18.47
N LEU B 439 4.18 -15.20 -19.33
CA LEU B 439 2.83 -15.62 -18.93
C LEU B 439 2.70 -17.13 -18.80
N ALA B 440 3.48 -17.86 -19.59
CA ALA B 440 3.33 -19.30 -19.73
C ALA B 440 4.29 -20.11 -18.86
N THR B 441 5.46 -19.55 -18.57
CA THR B 441 6.52 -20.32 -17.91
C THR B 441 6.14 -20.75 -16.49
N HIS B 442 6.50 -21.98 -16.11
CA HIS B 442 6.27 -22.46 -14.74
C HIS B 442 7.56 -22.35 -13.91
N ASP B 443 8.61 -21.84 -14.55
CA ASP B 443 9.94 -21.68 -13.96
C ASP B 443 10.02 -20.25 -13.36
N GLU B 444 9.97 -20.16 -12.03
CA GLU B 444 9.97 -18.84 -11.36
C GLU B 444 11.24 -18.04 -11.62
N THR B 445 12.38 -18.73 -11.74
CA THR B 445 13.64 -18.07 -12.04
C THR B 445 13.57 -17.42 -13.41
N GLN B 446 13.06 -18.20 -14.37
CA GLN B 446 12.91 -17.71 -15.72
C GLN B 446 11.90 -16.56 -15.74
N ARG B 447 10.84 -16.68 -14.94
CA ARG B 447 9.77 -15.66 -14.92
C ARG B 447 10.38 -14.31 -14.57
N GLN B 448 11.19 -14.31 -13.52
CA GLN B 448 11.83 -13.09 -13.05
C GLN B 448 12.82 -12.54 -14.06
N ALA B 449 13.58 -13.43 -14.69
CA ALA B 449 14.56 -13.03 -15.70
C ALA B 449 13.89 -12.37 -16.90
N LEU B 450 12.76 -12.94 -17.31
CA LEU B 450 11.96 -12.43 -18.41
C LEU B 450 11.39 -11.06 -18.08
N TYR B 451 10.82 -10.90 -16.88
CA TYR B 451 10.35 -9.57 -16.48
C TYR B 451 11.49 -8.57 -16.48
N ARG B 452 12.64 -8.94 -15.92
CA ARG B 452 13.81 -8.04 -15.94
C ARG B 452 14.14 -7.64 -17.38
N ASP B 453 14.18 -8.62 -18.29
CA ASP B 453 14.57 -8.33 -19.66
C ASP B 453 13.57 -7.40 -20.37
N ILE B 454 12.29 -7.70 -20.21
CA ILE B 454 11.25 -6.92 -20.85
C ILE B 454 11.27 -5.50 -20.34
N LEU B 455 11.28 -5.36 -19.02
CA LEU B 455 11.20 -4.02 -18.42
C LEU B 455 12.48 -3.23 -18.68
N THR B 456 13.60 -3.93 -18.71
CA THR B 456 14.87 -3.26 -18.95
C THR B 456 14.93 -2.78 -20.40
N ARG B 457 14.46 -3.59 -21.34
CA ARG B 457 14.40 -3.14 -22.74
C ARG B 457 13.52 -1.89 -22.91
N LEU B 458 12.31 -1.92 -22.36
CA LEU B 458 11.42 -0.77 -22.47
C LEU B 458 12.00 0.48 -21.84
N HIS B 459 12.73 0.29 -20.73
CA HIS B 459 13.36 1.41 -20.05
C HIS B 459 14.53 1.99 -20.86
N ASP B 460 15.44 1.12 -21.30
CA ASP B 460 16.63 1.57 -22.06
C ASP B 460 16.29 2.19 -23.39
N GLU B 461 15.21 1.70 -24.00
CA GLU B 461 14.78 2.22 -25.29
C GLU B 461 13.92 3.46 -25.18
N ALA B 462 13.67 3.90 -23.95
CA ALA B 462 12.95 5.14 -23.67
C ALA B 462 11.62 5.23 -24.42
N VAL B 463 10.85 4.15 -24.38
CA VAL B 463 9.52 4.09 -25.00
C VAL B 463 8.58 5.04 -24.24
N TYR B 464 8.75 5.07 -22.93
CA TYR B 464 7.90 5.91 -22.07
C TYR B 464 8.68 7.09 -21.48
N LEU B 465 7.91 8.10 -21.09
CA LEU B 465 8.40 9.20 -20.27
C LEU B 465 7.59 9.17 -18.96
N PRO B 466 8.07 8.40 -17.96
CA PRO B 466 7.29 8.30 -16.72
C PRO B 466 7.22 9.66 -16.03
N ILE B 467 6.05 10.00 -15.50
CA ILE B 467 5.87 11.32 -14.93
C ILE B 467 5.64 11.21 -13.43
N SER B 468 4.60 10.49 -13.04
CA SER B 468 4.22 10.45 -11.64
C SER B 468 3.65 9.08 -11.24
N TYR B 469 3.86 8.67 -9.98
CA TYR B 469 3.07 7.56 -9.42
C TYR B 469 1.93 8.23 -8.66
N ILE B 470 0.71 7.98 -9.13
CA ILE B 470 -0.47 8.66 -8.60
C ILE B 470 -1.19 7.83 -7.56
N SER B 471 -1.95 8.51 -6.73
CA SER B 471 -2.70 7.88 -5.64
C SER B 471 -4.20 7.97 -5.86
N MET B 472 -4.94 7.14 -5.12
CA MET B 472 -6.38 7.32 -4.96
C MET B 472 -6.63 8.43 -3.96
N MET B 473 -7.70 9.18 -4.18
CA MET B 473 -8.03 10.29 -3.30
C MET B 473 -9.48 10.16 -2.86
N VAL B 474 -9.78 10.63 -1.65
CA VAL B 474 -11.14 10.55 -1.13
C VAL B 474 -11.47 11.90 -0.50
N VAL B 475 -12.70 12.34 -0.71
CA VAL B 475 -13.23 13.47 0.03
C VAL B 475 -14.58 13.00 0.54
N SER B 476 -14.84 13.21 1.84
CA SER B 476 -16.05 12.67 2.43
C SER B 476 -16.54 13.55 3.58
N LYS B 477 -17.84 13.47 3.85
CA LYS B 477 -18.40 14.07 5.06
C LYS B 477 -17.82 13.33 6.27
N PRO B 478 -17.37 14.06 7.30
CA PRO B 478 -16.78 13.43 8.47
C PRO B 478 -17.58 12.28 9.07
N GLU B 479 -18.91 12.35 9.00
CA GLU B 479 -19.78 11.27 9.53
C GLU B 479 -19.60 9.89 8.91
N LEU B 480 -19.10 9.85 7.67
CA LEU B 480 -18.78 8.57 7.03
C LEU B 480 -17.54 7.87 7.60
N GLY B 481 -16.72 8.62 8.35
CA GLY B 481 -15.54 8.04 9.01
C GLY B 481 -14.43 7.76 8.00
N ASN B 482 -13.50 6.89 8.40
CA ASN B 482 -12.38 6.53 7.55
C ASN B 482 -12.91 5.66 6.39
N ILE B 483 -12.49 5.96 5.16
CA ILE B 483 -12.98 5.27 3.97
C ILE B 483 -11.91 4.28 3.52
N PRO B 484 -12.27 2.99 3.43
CA PRO B 484 -11.27 1.97 3.06
C PRO B 484 -11.01 2.02 1.56
N TYR B 485 -9.90 1.40 1.14
CA TYR B 485 -9.60 1.24 -0.26
C TYR B 485 -9.85 -0.18 -0.69
N ALA B 486 -10.48 -0.36 -1.84
CA ALA B 486 -10.58 -1.66 -2.48
C ALA B 486 -9.21 -2.07 -3.02
N PRO B 487 -8.82 -3.36 -2.86
CA PRO B 487 -7.58 -3.91 -3.44
C PRO B 487 -7.43 -3.67 -4.93
N ILE B 488 -8.51 -3.86 -5.68
CA ILE B 488 -8.50 -3.58 -7.11
C ILE B 488 -8.73 -2.09 -7.33
N ALA B 489 -7.78 -1.46 -8.04
CA ALA B 489 -7.80 0.00 -8.26
C ALA B 489 -9.08 0.61 -8.86
N THR B 490 -9.78 -0.17 -9.69
CA THR B 490 -10.99 0.30 -10.36
C THR B 490 -12.28 0.06 -9.57
N GLU B 491 -12.15 -0.61 -8.42
CA GLU B 491 -13.29 -0.85 -7.54
C GLU B 491 -13.41 0.17 -6.42
N ILE B 492 -14.63 0.34 -5.92
CA ILE B 492 -14.92 1.27 -4.83
C ILE B 492 -15.64 0.48 -3.73
N PRO B 493 -15.09 0.49 -2.50
CA PRO B 493 -15.59 -0.43 -1.48
C PRO B 493 -16.83 0.07 -0.71
N PHE B 494 -17.90 0.37 -1.44
CA PHE B 494 -19.11 0.92 -0.84
C PHE B 494 -19.67 0.07 0.30
N GLU B 495 -19.60 -1.25 0.15
CA GLU B 495 -20.19 -2.16 1.12
C GLU B 495 -19.43 -2.20 2.46
N GLN B 496 -18.34 -1.45 2.54
CA GLN B 496 -17.56 -1.37 3.77
C GLN B 496 -17.66 -0.03 4.48
N ILE B 497 -18.42 0.90 3.91
CA ILE B 497 -18.66 2.18 4.54
C ILE B 497 -19.76 2.02 5.59
N LYS B 498 -19.44 2.39 6.84
CA LYS B 498 -20.44 2.38 7.90
C LYS B 498 -20.63 3.79 8.46
N PRO B 499 -21.63 4.52 7.93
CA PRO B 499 -22.00 5.86 8.41
C PRO B 499 -22.52 5.85 9.85
C ACT C . 7.61 19.86 12.32
O ACT C . 7.38 21.08 12.59
OXT ACT C . 7.85 19.06 13.27
CH3 ACT C . 7.59 19.35 10.91
C ACT D . -17.42 -23.38 11.88
O ACT D . -16.33 -23.79 11.46
OXT ACT D . -17.46 -23.05 13.09
CH3 ACT D . -18.63 -23.30 10.99
C ACT E . -2.82 17.64 0.76
O ACT E . -2.95 18.45 1.71
OXT ACT E . -2.54 18.14 -0.34
CH3 ACT E . -2.96 16.15 0.92
C ACT F . 8.83 28.57 24.01
O ACT F . 9.39 27.52 23.62
OXT ACT F . 7.83 28.95 23.35
CH3 ACT F . 9.31 29.32 25.21
C ACT G . 25.77 -13.77 -9.85
O ACT G . 26.44 -13.05 -9.06
OXT ACT G . 25.04 -13.16 -10.70
CH3 ACT G . 25.82 -15.26 -9.79
C ACT H . 2.38 -14.59 -4.52
O ACT H . 1.67 -13.75 -3.94
OXT ACT H . 2.72 -14.31 -5.70
CH3 ACT H . 2.82 -15.87 -3.85
C ACT I . 12.51 3.40 18.64
O ACT I . 11.57 3.74 17.90
OXT ACT I . 12.82 2.20 18.62
CH3 ACT I . 13.24 4.39 19.49
S SO4 J . 23.56 11.88 31.02
O1 SO4 J . 22.11 11.98 31.08
O2 SO4 J . 24.15 13.07 31.60
O3 SO4 J . 23.99 10.67 31.73
O4 SO4 J . 23.98 11.75 29.62
C1 GOL K . 7.66 -29.30 19.49
O1 GOL K . 8.78 -29.95 18.92
C2 GOL K . 7.42 -29.79 20.92
O2 GOL K . 8.64 -30.01 21.60
C3 GOL K . 6.51 -28.83 21.68
O3 GOL K . 7.21 -27.72 22.17
C1 GOL L . 1.29 -25.77 36.32
O1 GOL L . 0.22 -26.45 36.95
C2 GOL L . 2.58 -26.08 37.04
O2 GOL L . 2.93 -27.40 36.70
C3 GOL L . 3.65 -25.10 36.54
O3 GOL L . 4.90 -25.71 36.29
C1 GOL M . 2.70 -3.96 4.89
O1 GOL M . 3.56 -4.22 5.99
C2 GOL M . 3.52 -3.40 3.73
O2 GOL M . 4.74 -4.09 3.60
C3 GOL M . 2.71 -3.43 2.45
O3 GOL M . 3.03 -2.25 1.75
C1 GOL N . 28.55 12.77 6.14
O1 GOL N . 28.19 14.13 5.95
C2 GOL N . 28.82 12.02 4.83
O2 GOL N . 29.95 11.19 5.00
C3 GOL N . 29.18 12.98 3.70
O3 GOL N . 30.54 13.27 3.85
C1 GOL O . -15.42 -24.17 19.75
O1 GOL O . -16.00 -23.01 20.29
C2 GOL O . -15.81 -25.44 20.50
O2 GOL O . -17.10 -25.84 20.10
C3 GOL O . -14.81 -26.52 20.09
O3 GOL O . -14.47 -27.27 21.23
C1 GOL P . -8.14 -24.32 31.90
O1 GOL P . -8.04 -25.69 31.60
C2 GOL P . -7.24 -23.94 33.08
O2 GOL P . -6.43 -25.02 33.53
C3 GOL P . -6.35 -22.76 32.72
O3 GOL P . -5.69 -22.31 33.88
C1 GOL Q . 8.14 23.34 25.52
O1 GOL Q . 9.25 23.66 26.33
C2 GOL Q . 7.48 24.61 25.02
O2 GOL Q . 8.14 24.93 23.81
C3 GOL Q . 6.00 24.35 24.72
O3 GOL Q . 5.12 24.92 25.67
CL CL R . 13.70 -8.04 21.57
CL CL S . 33.55 26.51 17.28
CL CL T . 9.58 -6.71 30.06
C1 BHR U . 6.57 -2.52 18.02
C2 BHR U . 6.75 -2.47 16.63
C3 BHR U . 7.85 -3.08 16.04
C4 BHR U . 8.81 -3.76 16.79
C5 BHR U . 8.64 -3.82 18.17
O5 BHR U . 9.55 -4.48 18.96
C6 BHR U . 7.53 -3.21 18.75
O6 BHR U . 7.35 -3.26 20.08
C7 BHR U . 5.34 -1.84 18.67
N8 BHR U . 5.15 -2.29 20.08
C9 BHR U . 4.50 -1.24 20.89
C10 BHR U . 4.56 -1.56 22.41
N11 BHR U . 5.95 -1.83 22.87
C12 BHR U . 5.91 -2.63 24.12
C13 BHR U . 7.24 -3.41 24.33
C14 BHR U . 7.61 -3.81 25.60
C15 BHR U . 8.81 -4.52 25.81
C16 BHR U . 9.64 -4.84 24.74
C17 BHR U . 9.28 -4.43 23.47
C18 BHR U . 8.09 -3.72 23.29
O18 BHR U . 7.72 -3.32 22.07
C19 BHR U . 4.18 -3.42 20.04
C20 BHR U . 4.64 -4.64 20.86
O20 BHR U . 3.78 -5.52 20.96
C21 BHR U . 6.67 -0.55 23.11
O21 BHR U . 5.77 -4.70 21.37
C22 BHR U . 7.50 -0.14 21.88
O22 BHR U . 7.86 1.06 21.78
O23 BHR U . 7.78 -1.03 21.03
FE FE V . 6.88 -2.94 21.15
S1 DTD W . 15.78 -9.07 10.90
C1 DTD W . 14.67 -7.85 10.17
C2 DTD W . 14.73 -6.48 10.84
O2 DTD W . 13.65 -5.72 10.34
C3 DTD W . 16.05 -5.75 10.55
O3 DTD W . 16.00 -4.45 11.14
C4 DTD W . 17.28 -6.46 11.13
S4 DTD W . 17.52 -8.13 10.45
CL CL X . -19.91 -10.01 12.51
C1 GOL Y . 31.46 -17.48 -1.09
O1 GOL Y . 32.11 -17.25 -2.31
C2 GOL Y . 31.57 -16.31 -0.10
O2 GOL Y . 31.56 -16.67 1.29
C3 GOL Y . 30.52 -15.27 -0.40
O3 GOL Y . 30.08 -15.38 -1.71
C1 GOL Z . -1.45 24.59 16.96
O1 GOL Z . -0.34 24.25 17.77
C2 GOL Z . -2.72 24.05 17.60
O2 GOL Z . -3.54 23.39 16.67
C3 GOL Z . -3.55 25.16 18.24
O3 GOL Z . -4.82 24.61 18.51
C1 GOL AA . 16.73 2.01 -4.53
O1 GOL AA . 15.42 2.25 -5.01
C2 GOL AA . 17.34 0.68 -5.04
O2 GOL AA . 17.99 0.05 -3.95
C3 GOL AA . 16.30 -0.32 -5.52
O3 GOL AA . 15.33 -0.48 -4.52
C ACT BA . -4.75 6.10 -21.24
O ACT BA . -4.40 6.03 -22.44
OXT ACT BA . -4.18 5.31 -20.47
CH3 ACT BA . -5.79 7.07 -20.75
C ACT CA . -9.34 24.94 -9.19
O ACT CA . -8.41 24.62 -9.98
OXT ACT CA . -9.02 25.11 -8.00
CH3 ACT CA . -10.75 25.11 -9.64
C1 GOL DA . -5.61 2.55 -3.05
O1 GOL DA . -6.93 2.20 -3.42
C2 GOL DA . -4.94 1.39 -2.32
O2 GOL DA . -4.64 0.33 -3.21
C3 GOL DA . -3.67 1.93 -1.69
O3 GOL DA . -3.00 0.88 -1.04
CL CL EA . -14.68 2.62 -13.18
C1 BHR FA . -7.96 -0.85 -17.22
C2 BHR FA . -7.38 -0.84 -15.96
C3 BHR FA . -7.71 0.13 -15.02
C4 BHR FA . -8.66 1.09 -15.34
C5 BHR FA . -9.27 1.09 -16.58
O5 BHR FA . -10.20 2.06 -16.85
C6 BHR FA . -8.92 0.13 -17.52
O6 BHR FA . -9.51 0.13 -18.75
C7 BHR FA . -7.46 -1.95 -18.15
N8 BHR FA . -8.51 -2.51 -19.01
C9 BHR FA . -7.77 -3.39 -19.94
C10 BHR FA . -8.58 -3.70 -21.21
N11 BHR FA . -9.16 -2.49 -21.80
C12 BHR FA . -10.30 -2.93 -22.61
C13 BHR FA . -11.21 -1.76 -23.02
C14 BHR FA . -11.90 -1.89 -24.22
C15 BHR FA . -12.74 -0.87 -24.66
C16 BHR FA . -12.89 0.30 -23.92
C17 BHR FA . -12.19 0.44 -22.71
C18 BHR FA . -11.36 -0.58 -22.27
O18 BHR FA . -10.69 -0.42 -21.11
C19 BHR FA . -9.36 -3.37 -18.18
C20 BHR FA . -10.81 -3.28 -18.64
O20 BHR FA . -11.57 -4.13 -18.19
C21 BHR FA . -8.15 -1.87 -22.69
O21 BHR FA . -11.12 -2.36 -19.43
C22 BHR FA . -7.52 -0.63 -22.05
O22 BHR FA . -6.53 -0.15 -22.65
O23 BHR FA . -8.00 -0.18 -20.98
FE FE GA . -9.70 -1.03 -20.11
S1 DTD HA . -14.04 11.65 -11.54
C1 DTD HA . -12.63 11.36 -12.66
C2 DTD HA . -11.53 10.59 -11.93
O2 DTD HA . -10.40 10.52 -12.81
C3 DTD HA . -11.97 9.16 -11.51
O3 DTD HA . -10.90 8.44 -10.93
C4 DTD HA . -13.08 9.16 -10.46
S4 DTD HA . -14.64 9.77 -11.18
C1 GOL IA . -15.47 -3.33 -3.54
O1 GOL IA . -14.81 -3.98 -2.48
C2 GOL IA . -16.13 -4.31 -4.52
O2 GOL IA . -16.81 -5.33 -3.81
C3 GOL IA . -17.09 -3.63 -5.49
O3 GOL IA . -17.76 -2.50 -4.94
C1 GOL JA . -32.46 -0.13 -13.53
O1 GOL JA . -32.45 0.89 -14.49
C2 GOL JA . -32.30 -1.50 -14.21
O2 GOL JA . -31.89 -1.35 -15.55
C3 GOL JA . -33.64 -2.23 -14.21
O3 GOL JA . -33.40 -3.59 -13.95
C ACT KA . -16.24 -22.56 -23.72
O ACT KA . -17.27 -22.08 -23.19
OXT ACT KA . -15.31 -22.83 -22.91
CH3 ACT KA . -16.09 -22.79 -25.20
C ACT LA . 15.77 -13.85 -20.35
O ACT LA . 15.02 -14.79 -20.03
OXT ACT LA . 16.74 -13.62 -19.61
CH3 ACT LA . 15.51 -13.04 -21.57
#